data_9KUX
#
_entry.id   9KUX
#
_cell.length_a   1.00
_cell.length_b   1.00
_cell.length_c   1.00
_cell.angle_alpha   90.00
_cell.angle_beta   90.00
_cell.angle_gamma   90.00
#
_symmetry.space_group_name_H-M   'P 1'
#
loop_
_entity.id
_entity.type
_entity.pdbx_description
1 polymer 'Beta arrestin-scFv30'
2 polymer 'Apelin receptor'
3 non-polymer (1~{S},2~{S})-~{N}-[4-(2,6-dimethoxyphenyl)-5-(6-methylpyridin-2-yl)-1,2,4-triazol-3-yl]-1-(5-methylpyrimidin-2-yl)-1-oxidanyl-propane-2-sulfonamide
#
loop_
_entity_poly.entity_id
_entity_poly.type
_entity_poly.pdbx_seq_one_letter_code
_entity_poly.pdbx_strand_id
1 'polypeptide(L)'
;MGDKGTRVFKKASPNGKLTVYLGKRDFVDHIDLVEPVDGVVLVDPEYLKERRVYVTLTAAFRYGREDLDVLGLTFRKDLF
VANVQSFPPAPEDKKPLTRLQERLIKKLGEHAYPFTFEIPPNLPSSVTLQPGPEDTGKAIGVDYEVKAFVAENLEEKIHK
RNSVRLVIEKVQYAPERPGPQPTAETTRQFLMSDKPLHLEASLDKEIYYHGEPISVNVHVTNNTNKTVKKIKISVRQYAD
IVLFNTAQYKVPVAMEEADDTVAPSSTFSKVYTLTPFLANNREKRGLALDGKLKHEDTNLASSTLLREGANREILGIIVS
YKVKVKLVVSRGGLLGDLASSDVAVELPFTLMHPKPKEEPPHREVPEHETPVDTNLSDIQMTQSPSSLSASVGDRVTITC
RASQSVSSAVAWYQQKPGKAPKLLIYSASSLYSGVPSRFSGSRSGTDFTLTISSLQPEDFATYYCQQYKYVPVTFGQGTK
VEIKGTTAASGSSGGSSSGAEVQLVESGGGLVQPGGSLRLSCAASGFNVYSSSIHWVRQAPGKGLEWVASISSYYGYTYY
ADSVKGRFTISADTSKNTAYLQMNSLRAEDTAVYYCARSRQFWYSGLDYWGQGTLVTVSSA
;
A
2 'polypeptide(L)'
;MKTIIALSYIFCLVFADYKDDDDKHHHHHHHHHHLEVLFQGPADLEDNWETLNDNLKVIEKADNAAQVKDALTKMRAAAL
DAQKATPPKLEDKSPDSPEMKDFRHGFDILVGQIDDALKLANEGKVKEAQAAAEQLKTTRNAYIQKYLEEGGDFDNYYGA
DNQSECEYTDWKSSGALIPAIYMLVFLLGTTGNGLVLWTVFRSSREKRRSADIFIASLAVADLTFVVTLPLWATYTYRDY
DWPFGTFFCKLSSYLIFVNMYASVFCLTGLSFDRYLAIVRPVANARLRLRVSGAVATAVLWVLAALLAMPVMVLRTTGDL
ENTTKVQCYMDYSMVATVSSEWAWEVGLGVSSTTVGFVVPFTIMLTCYFFIAQTIAGHFRKERIEGLRKRRRLLSIIVVL
VVTFALCWMPYHLVKTLYMLGSLLHWPCDFDLFLMNIFPYCTCISYVNSCLNPFLYAFFDPRFRQACTSMLCCGQSRARG
RTPPSLGPQDE(SEP)C(TPO)(TPO)A(SEP)(SEP)(SEP)LAKDTSS
;
Q,R
#
loop_
_chem_comp.id
_chem_comp.type
_chem_comp.name
_chem_comp.formula
A1L6R non-polymer (1~{S},2~{S})-~{N}-[4-(2,6-dimethoxyphenyl)-5-(6-methylpyridin-2-yl)-1,2,4-triazol-3-yl]-1-(5-methylpyrimidin-2-yl)-1-oxidanyl-propane-2-sulfonamide 'C24 H27 N7 O5 S'
#
# COMPACT_ATOMS: atom_id res chain seq x y z
N THR A 6 18.50 20.73 -37.75
CA THR A 6 18.04 19.51 -37.04
C THR A 6 16.60 19.67 -36.57
N ARG A 7 16.21 18.89 -35.57
CA ARG A 7 14.88 18.97 -34.99
C ARG A 7 15.00 19.41 -33.54
N VAL A 8 14.22 20.42 -33.17
CA VAL A 8 14.35 21.09 -31.89
C VAL A 8 13.04 20.94 -31.14
N PHE A 9 13.13 20.58 -29.87
CA PHE A 9 11.94 20.39 -29.04
C PHE A 9 11.24 21.72 -28.83
N LYS A 10 9.90 21.67 -28.81
CA LYS A 10 9.09 22.87 -28.63
C LYS A 10 7.96 22.53 -27.67
N LYS A 11 7.61 23.50 -26.81
CA LYS A 11 6.45 23.34 -25.95
C LYS A 11 5.75 24.67 -25.80
N ALA A 12 4.45 24.67 -26.01
CA ALA A 12 3.62 25.87 -25.89
C ALA A 12 2.98 25.92 -24.51
N SER A 13 2.54 27.12 -24.15
CA SER A 13 1.81 27.30 -22.91
C SER A 13 0.40 26.79 -23.03
N PRO A 14 -0.27 26.48 -21.91
CA PRO A 14 -1.69 26.13 -21.98
C PRO A 14 -2.47 27.10 -22.85
N ASN A 15 -2.12 28.38 -22.80
CA ASN A 15 -2.79 29.37 -23.64
C ASN A 15 -2.30 29.25 -25.07
N GLY A 16 -1.01 29.49 -25.30
CA GLY A 16 -0.43 29.32 -26.61
C GLY A 16 0.57 30.38 -27.01
N LYS A 17 0.44 31.59 -26.44
CA LYS A 17 1.32 32.68 -26.85
C LYS A 17 2.78 32.37 -26.52
N LEU A 18 3.04 31.84 -25.33
CA LEU A 18 4.39 31.47 -24.94
C LEU A 18 4.75 30.10 -25.52
N THR A 19 5.81 30.05 -26.32
CA THR A 19 6.29 28.81 -26.91
C THR A 19 7.80 28.73 -26.76
N VAL A 20 8.27 27.77 -25.99
CA VAL A 20 9.69 27.61 -25.68
C VAL A 20 10.30 26.62 -26.66
N TYR A 21 11.36 27.04 -27.34
CA TYR A 21 12.15 26.18 -28.21
C TYR A 21 13.43 25.81 -27.47
N LEU A 22 13.61 24.53 -27.20
CA LEU A 22 14.82 24.03 -26.57
C LEU A 22 15.40 22.93 -27.43
N GLY A 23 16.71 23.02 -27.70
CA GLY A 23 17.33 22.06 -28.61
C GLY A 23 17.34 20.65 -28.06
N LYS A 24 17.85 20.48 -26.84
CA LYS A 24 17.99 19.15 -26.26
C LYS A 24 17.57 19.16 -24.80
N ARG A 25 16.90 18.09 -24.38
CA ARG A 25 16.43 18.00 -23.01
C ARG A 25 17.53 17.61 -22.03
N ASP A 26 18.61 17.00 -22.53
CA ASP A 26 19.70 16.52 -21.69
C ASP A 26 20.95 17.33 -21.99
N PHE A 27 21.57 17.89 -20.95
CA PHE A 27 22.71 18.77 -21.09
C PHE A 27 23.92 18.16 -20.40
N VAL A 28 25.04 18.13 -21.11
CA VAL A 28 26.25 17.48 -20.60
C VAL A 28 26.81 18.29 -19.46
N ASP A 29 27.23 17.60 -18.40
CA ASP A 29 27.75 18.24 -17.20
C ASP A 29 29.24 17.93 -17.13
N HIS A 30 30.05 18.76 -17.77
CA HIS A 30 31.49 18.68 -17.59
C HIS A 30 31.85 19.19 -16.21
N ILE A 31 32.80 18.51 -15.56
CA ILE A 31 33.05 18.74 -14.14
C ILE A 31 33.35 20.22 -13.88
N ASP A 32 34.24 20.81 -14.68
CA ASP A 32 34.65 22.20 -14.42
C ASP A 32 33.49 23.15 -14.64
N LEU A 33 32.80 23.03 -15.77
CA LEU A 33 31.69 23.93 -16.09
C LEU A 33 30.64 23.15 -16.85
N VAL A 34 29.43 23.70 -16.89
CA VAL A 34 28.30 23.03 -17.50
C VAL A 34 27.87 23.78 -18.75
N GLU A 35 27.41 23.02 -19.74
CA GLU A 35 26.96 23.62 -20.98
C GLU A 35 25.81 24.58 -20.70
N PRO A 36 25.77 25.74 -21.35
CA PRO A 36 24.65 26.65 -21.12
C PRO A 36 23.34 26.00 -21.51
N VAL A 37 22.29 26.31 -20.74
CA VAL A 37 20.94 25.86 -21.09
C VAL A 37 20.39 26.95 -22.01
N ASP A 38 20.75 26.84 -23.29
CA ASP A 38 20.39 27.85 -24.28
C ASP A 38 18.93 27.62 -24.67
N GLY A 39 18.50 28.25 -25.75
CA GLY A 39 17.17 28.06 -26.29
C GLY A 39 16.62 29.35 -26.81
N VAL A 40 15.30 29.40 -26.93
CA VAL A 40 14.58 30.62 -27.31
C VAL A 40 13.19 30.54 -26.70
N VAL A 41 12.58 31.71 -26.52
CA VAL A 41 11.21 31.81 -26.02
C VAL A 41 10.44 32.69 -27.00
N LEU A 42 9.76 32.05 -27.96
CA LEU A 42 8.89 32.78 -28.86
C LEU A 42 7.68 33.28 -28.10
N VAL A 43 7.42 34.58 -28.22
CA VAL A 43 6.32 35.24 -27.53
C VAL A 43 5.55 36.08 -28.55
N ASP A 44 4.28 36.32 -28.24
CA ASP A 44 3.43 37.13 -29.10
C ASP A 44 3.44 38.57 -28.62
N PRO A 45 3.93 39.53 -29.43
CA PRO A 45 3.95 40.92 -28.93
C PRO A 45 2.57 41.46 -28.61
N GLU A 46 1.55 41.07 -29.38
CA GLU A 46 0.22 41.62 -29.17
C GLU A 46 -0.34 41.20 -27.81
N TYR A 47 -0.10 39.96 -27.40
CA TYR A 47 -0.64 39.50 -26.12
C TYR A 47 -0.02 40.25 -24.95
N LEU A 48 1.30 40.44 -24.98
CA LEU A 48 2.00 41.14 -23.90
C LEU A 48 2.03 42.62 -24.25
N LYS A 49 0.98 43.34 -23.82
CA LYS A 49 0.93 44.77 -24.09
C LYS A 49 2.10 45.49 -23.43
N GLU A 50 2.37 45.17 -22.17
CA GLU A 50 3.54 45.70 -21.47
C GLU A 50 4.21 44.68 -20.57
N ARG A 51 3.75 43.43 -20.54
CA ARG A 51 4.30 42.46 -19.62
C ARG A 51 5.70 42.04 -20.05
N ARG A 52 6.29 41.13 -19.29
CA ARG A 52 7.61 40.57 -19.60
C ARG A 52 7.56 39.07 -19.42
N VAL A 53 8.48 38.39 -20.11
CA VAL A 53 8.58 36.94 -20.06
C VAL A 53 9.88 36.57 -19.37
N TYR A 54 9.77 35.83 -18.27
CA TYR A 54 10.92 35.43 -17.46
C TYR A 54 11.11 33.92 -17.59
N VAL A 55 12.34 33.52 -17.89
CA VAL A 55 12.68 32.11 -18.00
C VAL A 55 13.49 31.73 -16.76
N THR A 56 13.05 30.68 -16.08
CA THR A 56 13.58 30.32 -14.78
C THR A 56 14.05 28.88 -14.82
N LEU A 57 15.28 28.65 -14.39
CA LEU A 57 15.82 27.31 -14.21
C LEU A 57 15.74 26.96 -12.73
N THR A 58 15.08 25.85 -12.43
CA THR A 58 14.76 25.46 -11.06
C THR A 58 15.26 24.05 -10.82
N ALA A 59 16.17 23.90 -9.87
CA ALA A 59 16.72 22.59 -9.50
C ALA A 59 16.02 22.16 -8.21
N ALA A 60 14.80 21.68 -8.36
CA ALA A 60 14.02 21.28 -7.20
C ALA A 60 14.54 19.98 -6.61
N PHE A 61 14.32 19.81 -5.32
CA PHE A 61 14.57 18.56 -4.62
C PHE A 61 13.33 18.25 -3.78
N ARG A 62 12.63 17.19 -4.17
CA ARG A 62 11.48 16.70 -3.41
C ARG A 62 11.95 15.64 -2.43
N TYR A 63 11.43 15.68 -1.21
CA TYR A 63 11.81 14.69 -0.20
C TYR A 63 10.62 13.98 0.43
N GLY A 64 9.41 14.49 0.29
CA GLY A 64 8.24 13.80 0.81
C GLY A 64 7.13 13.78 -0.22
N ARG A 65 6.57 12.61 -0.43
CA ARG A 65 5.51 12.45 -1.42
C ARG A 65 4.27 13.22 -0.99
N GLU A 66 3.57 13.78 -1.98
CA GLU A 66 2.32 14.51 -1.74
C GLU A 66 2.55 15.68 -0.78
N ASP A 67 3.31 16.65 -1.29
CA ASP A 67 3.62 17.87 -0.54
C ASP A 67 2.37 18.38 0.18
N LEU A 68 2.57 18.99 1.36
CA LEU A 68 1.47 19.28 2.29
C LEU A 68 0.84 17.99 2.81
N ASP A 69 1.66 16.94 2.90
CA ASP A 69 1.16 15.64 3.37
C ASP A 69 0.65 15.71 4.80
N VAL A 70 1.09 16.70 5.58
CA VAL A 70 0.65 16.86 6.96
C VAL A 70 -0.21 18.12 7.06
N LEU A 71 -0.90 18.45 5.97
CA LEU A 71 -1.84 19.57 5.94
C LEU A 71 -1.11 20.90 6.15
N GLY A 72 -0.22 21.22 5.21
CA GLY A 72 0.40 22.53 5.17
C GLY A 72 1.88 22.52 4.90
N LEU A 73 2.59 21.51 5.39
CA LEU A 73 4.04 21.44 5.24
C LEU A 73 4.39 21.04 3.82
N THR A 74 4.76 22.01 3.00
CA THR A 74 5.23 21.69 1.65
C THR A 74 6.54 20.91 1.75
N PHE A 75 6.70 19.94 0.85
CA PHE A 75 7.80 19.00 0.94
C PHE A 75 8.72 19.05 -0.28
N ARG A 76 9.08 20.25 -0.71
CA ARG A 76 10.03 20.41 -1.80
C ARG A 76 10.87 21.63 -1.53
N LYS A 77 12.13 21.56 -1.92
CA LYS A 77 13.08 22.63 -1.71
C LYS A 77 13.70 23.02 -3.05
N ASP A 78 14.37 24.15 -3.09
CA ASP A 78 15.10 24.60 -4.28
C ASP A 78 16.60 24.54 -3.98
N LEU A 79 17.26 23.50 -4.50
CA LEU A 79 18.71 23.39 -4.34
C LEU A 79 19.42 24.55 -5.02
N PHE A 80 18.98 24.91 -6.22
CA PHE A 80 19.55 26.05 -6.93
C PHE A 80 18.52 26.59 -7.89
N VAL A 81 18.46 27.91 -8.00
CA VAL A 81 17.53 28.58 -8.88
C VAL A 81 18.28 29.66 -9.65
N ALA A 82 17.80 29.95 -10.85
CA ALA A 82 18.30 31.04 -11.66
C ALA A 82 17.16 31.60 -12.49
N ASN A 83 17.24 32.88 -12.81
CA ASN A 83 16.21 33.54 -13.59
C ASN A 83 16.86 34.40 -14.66
N VAL A 84 16.12 34.66 -15.73
CA VAL A 84 16.58 35.54 -16.79
C VAL A 84 15.37 36.23 -17.41
N GLN A 85 15.48 37.54 -17.58
CA GLN A 85 14.42 38.35 -18.19
C GLN A 85 14.65 38.36 -19.70
N SER A 86 14.10 37.36 -20.38
CA SER A 86 14.33 37.22 -21.81
C SER A 86 13.82 38.40 -22.61
N PHE A 87 12.88 39.14 -22.03
CA PHE A 87 12.27 40.30 -22.74
C PHE A 87 11.88 41.34 -21.69
N PRO A 88 12.29 42.63 -21.83
CA PRO A 88 13.18 43.08 -22.94
C PRO A 88 14.63 42.72 -22.67
N PRO A 89 15.39 42.26 -23.68
CA PRO A 89 16.85 41.95 -23.53
C PRO A 89 17.68 43.21 -23.74
N ALA A 90 17.99 43.92 -22.66
CA ALA A 90 18.76 45.19 -22.76
C ALA A 90 20.24 44.88 -22.95
N PRO A 91 21.12 45.87 -23.25
CA PRO A 91 22.56 45.61 -23.35
C PRO A 91 23.15 45.00 -22.08
N GLU A 92 22.48 45.15 -20.93
CA GLU A 92 22.99 44.54 -19.71
C GLU A 92 23.05 43.03 -19.81
N ASP A 93 22.32 42.42 -20.75
CA ASP A 93 22.37 40.98 -20.91
C ASP A 93 23.79 40.53 -21.28
N LYS A 94 24.37 41.14 -22.31
CA LYS A 94 25.74 40.85 -22.72
C LYS A 94 25.95 39.36 -22.92
N LYS A 95 24.97 38.70 -23.52
CA LYS A 95 25.03 37.25 -23.74
C LYS A 95 25.25 36.96 -25.21
N PRO A 96 26.39 36.39 -25.60
CA PRO A 96 26.58 36.02 -27.01
C PRO A 96 25.57 34.96 -27.44
N LEU A 97 25.24 35.00 -28.73
CA LEU A 97 24.25 34.10 -29.31
C LEU A 97 24.95 32.81 -29.74
N THR A 98 24.59 31.70 -29.10
CA THR A 98 25.18 30.42 -29.45
C THR A 98 24.54 29.86 -30.72
N ARG A 99 25.20 28.86 -31.31
CA ARG A 99 24.77 28.32 -32.59
C ARG A 99 23.30 27.92 -32.57
N LEU A 100 22.86 27.31 -31.48
CA LEU A 100 21.46 26.92 -31.37
C LEU A 100 20.56 28.14 -31.45
N GLN A 101 20.91 29.20 -30.72
CA GLN A 101 20.06 30.38 -30.67
C GLN A 101 20.00 31.06 -32.03
N GLU A 102 21.14 31.21 -32.72
CA GLU A 102 21.09 31.82 -34.04
C GLU A 102 20.29 30.96 -35.01
N ARG A 103 20.46 29.64 -34.95
CA ARG A 103 19.67 28.76 -35.80
C ARG A 103 18.19 28.99 -35.58
N LEU A 104 17.75 28.99 -34.32
CA LEU A 104 16.33 29.17 -34.03
C LEU A 104 15.86 30.55 -34.51
N ILE A 105 16.56 31.62 -34.10
CA ILE A 105 16.07 32.96 -34.38
C ILE A 105 16.04 33.22 -35.88
N LYS A 106 16.92 32.58 -36.65
CA LYS A 106 16.73 32.54 -38.08
C LYS A 106 15.46 31.78 -38.43
N LYS A 107 15.20 30.67 -37.73
CA LYS A 107 13.99 29.89 -37.98
C LYS A 107 12.73 30.71 -37.68
N LEU A 108 12.74 31.46 -36.58
CA LEU A 108 11.60 32.26 -36.18
C LEU A 108 11.85 33.74 -36.53
N GLY A 109 10.92 34.60 -36.13
CA GLY A 109 10.97 36.00 -36.51
C GLY A 109 11.14 36.96 -35.35
N GLU A 110 10.24 37.94 -35.24
CA GLU A 110 10.36 38.99 -34.25
C GLU A 110 10.26 38.48 -32.82
N HIS A 111 9.77 37.26 -32.62
CA HIS A 111 9.63 36.69 -31.29
C HIS A 111 10.89 35.98 -30.82
N ALA A 112 12.05 36.36 -31.35
CA ALA A 112 13.31 35.73 -30.97
C ALA A 112 13.78 36.28 -29.62
N TYR A 113 13.75 35.44 -28.60
CA TYR A 113 14.16 35.83 -27.25
C TYR A 113 15.09 34.77 -26.67
N PRO A 114 16.40 34.98 -26.71
CA PRO A 114 17.33 33.95 -26.23
C PRO A 114 17.61 34.03 -24.74
N PHE A 115 17.50 32.91 -24.04
CA PHE A 115 17.80 32.84 -22.62
C PHE A 115 18.93 31.85 -22.39
N THR A 116 19.87 32.21 -21.52
CA THR A 116 21.03 31.40 -21.22
C THR A 116 21.13 31.20 -19.72
N PHE A 117 21.35 29.97 -19.30
CA PHE A 117 21.64 29.65 -17.90
C PHE A 117 23.02 29.02 -17.82
N GLU A 118 23.92 29.66 -17.08
CA GLU A 118 25.24 29.11 -16.81
C GLU A 118 25.18 28.52 -15.40
N ILE A 119 24.56 27.35 -15.29
CA ILE A 119 24.27 26.77 -13.98
C ILE A 119 25.58 26.48 -13.26
N PRO A 120 25.63 26.61 -11.93
CA PRO A 120 26.92 26.51 -11.24
C PRO A 120 27.50 25.11 -11.36
N PRO A 121 28.83 24.98 -11.33
CA PRO A 121 29.43 23.65 -11.49
C PRO A 121 29.02 22.64 -10.43
N ASN A 122 28.81 23.08 -9.19
CA ASN A 122 28.59 22.17 -8.07
C ASN A 122 27.09 22.01 -7.87
N LEU A 123 26.54 20.91 -8.37
CA LEU A 123 25.14 20.56 -8.15
C LEU A 123 25.00 19.06 -8.29
N PRO A 124 23.98 18.46 -7.70
CA PRO A 124 23.76 17.02 -7.88
C PRO A 124 23.15 16.72 -9.24
N SER A 125 23.32 15.47 -9.66
CA SER A 125 22.74 15.03 -10.91
C SER A 125 21.22 14.92 -10.77
N SER A 126 20.54 14.99 -11.92
CA SER A 126 19.08 14.94 -11.95
C SER A 126 18.59 13.50 -11.76
N VAL A 127 18.94 12.93 -10.61
CA VAL A 127 18.64 11.55 -10.28
C VAL A 127 17.43 11.52 -9.37
N THR A 128 16.39 10.79 -9.78
CA THR A 128 15.14 10.71 -9.05
C THR A 128 15.04 9.36 -8.36
N LEU A 129 14.75 9.38 -7.07
CA LEU A 129 14.69 8.14 -6.30
C LEU A 129 13.54 7.27 -6.80
N GLN A 130 13.56 6.02 -6.39
CA GLN A 130 12.51 5.10 -6.80
C GLN A 130 11.17 5.60 -6.29
N PRO A 131 10.16 5.73 -7.15
CA PRO A 131 8.84 6.17 -6.66
C PRO A 131 8.23 5.19 -5.68
N GLY A 132 8.69 3.94 -5.67
CA GLY A 132 8.12 2.93 -4.81
C GLY A 132 6.95 2.25 -5.49
N PRO A 133 6.98 0.91 -5.60
CA PRO A 133 5.86 0.21 -6.25
C PRO A 133 4.52 0.60 -5.66
N GLU A 134 4.37 0.39 -4.35
CA GLU A 134 3.13 0.75 -3.67
C GLU A 134 3.05 2.25 -3.43
N ASP A 135 4.19 2.88 -3.09
CA ASP A 135 4.17 4.30 -2.77
C ASP A 135 3.66 5.11 -3.96
N THR A 136 2.83 6.11 -3.66
CA THR A 136 2.18 6.93 -4.67
C THR A 136 2.63 8.38 -4.51
N GLY A 137 2.87 9.03 -5.65
CA GLY A 137 3.29 10.41 -5.67
C GLY A 137 4.58 10.60 -6.45
N LYS A 138 4.93 11.88 -6.63
CA LYS A 138 6.15 12.21 -7.35
C LYS A 138 7.36 11.69 -6.60
N ALA A 139 8.36 11.24 -7.35
CA ALA A 139 9.57 10.69 -6.74
C ALA A 139 10.31 11.77 -5.96
N ILE A 140 10.95 11.35 -4.87
CA ILE A 140 11.67 12.25 -3.99
C ILE A 140 13.11 12.29 -4.48
N GLY A 141 13.39 13.19 -5.42
CA GLY A 141 14.73 13.30 -5.96
C GLY A 141 14.90 14.59 -6.72
N VAL A 142 16.16 14.89 -7.05
CA VAL A 142 16.46 16.13 -7.75
C VAL A 142 15.77 16.13 -9.10
N ASP A 143 15.40 17.32 -9.56
CA ASP A 143 14.73 17.45 -10.85
C ASP A 143 14.85 18.89 -11.33
N TYR A 144 15.23 19.06 -12.58
CA TYR A 144 15.48 20.37 -13.16
C TYR A 144 14.36 20.74 -14.12
N GLU A 145 13.97 22.01 -14.09
CA GLU A 145 12.89 22.49 -14.93
C GLU A 145 13.21 23.88 -15.45
N VAL A 146 12.85 24.13 -16.70
CA VAL A 146 12.98 25.43 -17.32
C VAL A 146 11.58 25.94 -17.63
N LYS A 147 11.22 27.07 -17.04
CA LYS A 147 9.86 27.59 -17.09
C LYS A 147 9.89 29.02 -17.61
N ALA A 148 9.29 29.24 -18.77
CA ALA A 148 9.11 30.58 -19.32
C ALA A 148 7.72 31.04 -18.96
N PHE A 149 7.62 31.90 -17.95
CA PHE A 149 6.34 32.38 -17.45
C PHE A 149 6.24 33.89 -17.64
N VAL A 150 5.02 34.36 -17.90
CA VAL A 150 4.76 35.77 -18.14
C VAL A 150 4.46 36.45 -16.81
N ALA A 151 5.13 37.57 -16.57
CA ALA A 151 4.89 38.35 -15.36
C ALA A 151 5.66 39.65 -15.47
N GLU A 152 5.26 40.63 -14.63
CA GLU A 152 5.94 41.92 -14.58
C GLU A 152 6.94 41.98 -13.43
N ASN A 153 6.70 41.26 -12.34
CA ASN A 153 7.62 41.17 -11.22
C ASN A 153 7.88 39.71 -10.90
N LEU A 154 9.11 39.42 -10.48
CA LEU A 154 9.47 38.02 -10.20
C LEU A 154 8.60 37.45 -9.10
N GLU A 155 8.22 38.26 -8.11
CA GLU A 155 7.35 37.82 -7.03
C GLU A 155 5.87 37.97 -7.39
N GLU A 156 5.55 38.45 -8.58
CA GLU A 156 4.17 38.53 -9.00
C GLU A 156 3.53 37.14 -9.04
N LYS A 157 2.21 37.13 -9.14
CA LYS A 157 1.49 35.86 -9.22
C LYS A 157 1.95 35.07 -10.44
N ILE A 158 2.14 33.77 -10.26
CA ILE A 158 2.54 32.88 -11.34
C ILE A 158 1.28 32.19 -11.87
N HIS A 159 1.00 32.41 -13.15
CA HIS A 159 -0.23 31.91 -13.78
C HIS A 159 0.06 30.56 -14.43
N LYS A 160 -0.59 29.51 -13.92
CA LYS A 160 -0.40 28.19 -14.50
C LYS A 160 -0.97 28.09 -15.90
N ARG A 161 -1.87 29.02 -16.27
CA ARG A 161 -2.41 29.04 -17.63
C ARG A 161 -1.48 29.72 -18.62
N ASN A 162 -0.48 30.46 -18.15
CA ASN A 162 0.48 31.13 -19.02
C ASN A 162 1.91 30.80 -18.62
N SER A 163 2.11 29.64 -18.00
CA SER A 163 3.43 29.18 -17.61
C SER A 163 3.72 27.87 -18.32
N VAL A 164 4.80 27.86 -19.11
CA VAL A 164 5.28 26.65 -19.75
C VAL A 164 6.21 25.93 -18.78
N ARG A 165 6.47 24.65 -19.07
CA ARG A 165 7.43 23.90 -18.28
C ARG A 165 8.08 22.87 -19.19
N LEU A 166 9.41 22.89 -19.26
CA LEU A 166 10.19 21.84 -19.92
C LEU A 166 11.10 21.23 -18.87
N VAL A 167 10.87 19.97 -18.54
CA VAL A 167 11.78 19.29 -17.61
C VAL A 167 13.08 18.99 -18.33
N ILE A 168 14.19 19.38 -17.72
CA ILE A 168 15.51 19.20 -18.30
C ILE A 168 16.24 18.13 -17.49
N GLU A 169 17.25 17.55 -18.11
CA GLU A 169 18.07 16.52 -17.47
C GLU A 169 19.50 17.03 -17.33
N LYS A 170 20.13 16.69 -16.21
CA LYS A 170 21.50 17.06 -15.88
C LYS A 170 22.28 15.78 -15.66
N VAL A 171 22.85 15.22 -16.72
CA VAL A 171 23.53 13.94 -16.66
C VAL A 171 25.00 14.14 -16.98
N GLN A 172 25.85 13.32 -16.34
CA GLN A 172 27.30 13.37 -16.50
C GLN A 172 27.76 12.13 -17.26
N TYR A 173 28.10 12.31 -18.53
CA TYR A 173 28.62 11.21 -19.32
C TYR A 173 30.04 10.87 -18.87
N ALA A 174 30.49 9.68 -19.27
CA ALA A 174 31.77 9.19 -18.80
C ALA A 174 32.90 10.07 -19.33
N PRO A 175 33.99 10.19 -18.57
CA PRO A 175 35.15 10.91 -19.08
C PRO A 175 35.94 10.05 -20.05
N GLU A 176 36.36 10.66 -21.16
CA GLU A 176 37.07 9.90 -22.18
C GLU A 176 38.28 9.21 -21.60
N ARG A 177 39.04 9.89 -20.75
CA ARG A 177 40.22 9.29 -20.15
C ARG A 177 39.81 8.19 -19.18
N PRO A 178 40.37 6.99 -19.27
CA PRO A 178 40.02 5.94 -18.31
C PRO A 178 40.73 6.15 -16.98
N GLY A 179 40.03 5.80 -15.91
CA GLY A 179 40.55 5.96 -14.57
C GLY A 179 41.38 4.78 -14.13
N PRO A 180 41.92 4.86 -12.91
CA PRO A 180 42.71 3.75 -12.39
C PRO A 180 41.84 2.55 -12.04
N GLN A 181 42.47 1.39 -11.99
CA GLN A 181 41.76 0.17 -11.65
C GLN A 181 41.25 0.25 -10.21
N PRO A 182 39.94 0.18 -9.97
CA PRO A 182 39.46 0.34 -8.58
C PRO A 182 39.59 -0.92 -7.75
N THR A 183 40.84 -1.27 -7.44
CA THR A 183 41.13 -2.41 -6.58
C THR A 183 40.93 -2.03 -5.12
N ALA A 184 41.08 -3.02 -4.24
CA ALA A 184 40.97 -2.79 -2.80
C ALA A 184 41.41 -4.04 -2.07
N GLU A 185 42.19 -3.85 -1.02
CA GLU A 185 42.69 -4.97 -0.23
C GLU A 185 42.33 -4.78 1.23
N THR A 186 42.06 -5.88 1.92
CA THR A 186 41.77 -5.88 3.33
C THR A 186 42.39 -7.11 3.98
N THR A 187 42.61 -7.02 5.29
CA THR A 187 43.21 -8.12 6.03
C THR A 187 42.82 -7.96 7.50
N ARG A 188 42.06 -8.92 8.03
CA ARG A 188 41.67 -8.91 9.43
C ARG A 188 41.97 -10.27 10.04
N GLN A 189 42.06 -10.28 11.36
CA GLN A 189 42.44 -11.45 12.14
C GLN A 189 41.31 -11.84 13.08
N PHE A 190 41.42 -13.04 13.64
CA PHE A 190 40.42 -13.56 14.55
C PHE A 190 41.11 -14.51 15.53
N LEU A 191 40.33 -15.35 16.20
CA LEU A 191 40.84 -16.23 17.25
C LEU A 191 42.22 -16.81 16.93
N MET A 192 42.36 -17.42 15.76
CA MET A 192 43.64 -18.03 15.40
C MET A 192 44.72 -16.97 15.26
N SER A 193 45.98 -17.41 15.36
CA SER A 193 47.13 -16.52 15.31
C SER A 193 48.15 -17.01 14.30
N ASP A 194 47.68 -17.47 13.13
CA ASP A 194 48.56 -17.88 12.05
C ASP A 194 48.77 -16.75 11.05
N LYS A 195 47.69 -16.29 10.42
CA LYS A 195 47.77 -15.25 9.41
C LYS A 195 46.39 -14.66 9.18
N PRO A 196 46.21 -13.34 9.29
CA PRO A 196 44.93 -12.74 8.91
C PRO A 196 44.49 -13.13 7.50
N LEU A 197 43.22 -12.92 7.19
CA LEU A 197 42.66 -13.27 5.88
C LEU A 197 42.93 -12.13 4.91
N HIS A 198 43.78 -12.39 3.92
CA HIS A 198 44.21 -11.38 2.94
C HIS A 198 43.27 -11.43 1.75
N LEU A 199 42.28 -10.53 1.74
CA LEU A 199 41.34 -10.43 0.63
C LEU A 199 41.77 -9.31 -0.31
N GLU A 200 41.82 -9.61 -1.61
CA GLU A 200 42.08 -8.63 -2.65
C GLU A 200 40.93 -8.68 -3.64
N ALA A 201 40.42 -7.52 -4.01
CA ALA A 201 39.37 -7.40 -5.01
C ALA A 201 39.81 -6.43 -6.09
N SER A 202 39.49 -6.77 -7.33
CA SER A 202 39.84 -5.94 -8.47
C SER A 202 38.67 -5.87 -9.42
N LEU A 203 38.61 -4.78 -10.18
CA LEU A 203 37.61 -4.57 -11.20
C LEU A 203 38.32 -4.27 -12.51
N ASP A 204 37.65 -4.60 -13.62
CA ASP A 204 38.27 -4.45 -14.93
C ASP A 204 38.64 -3.00 -15.21
N LYS A 205 37.74 -2.07 -14.89
CA LYS A 205 38.00 -0.66 -15.13
C LYS A 205 37.16 0.17 -14.16
N GLU A 206 37.52 1.45 -14.04
CA GLU A 206 36.76 2.34 -13.18
C GLU A 206 35.42 2.73 -13.82
N ILE A 207 35.34 2.76 -15.14
CA ILE A 207 34.15 3.19 -15.85
C ILE A 207 33.52 1.97 -16.50
N TYR A 208 32.26 1.68 -16.14
CA TYR A 208 31.50 0.59 -16.71
C TYR A 208 30.24 1.17 -17.33
N TYR A 209 30.14 1.05 -18.66
CA TYR A 209 28.99 1.61 -19.34
C TYR A 209 27.73 0.88 -18.89
N HIS A 210 26.60 1.56 -18.97
CA HIS A 210 25.40 1.08 -18.29
C HIS A 210 25.02 -0.30 -18.78
N GLY A 211 24.84 -1.22 -17.82
CA GLY A 211 24.40 -2.57 -18.11
C GLY A 211 25.48 -3.48 -18.64
N GLU A 212 26.69 -2.98 -18.88
CA GLU A 212 27.76 -3.84 -19.31
C GLU A 212 28.25 -4.68 -18.13
N PRO A 213 28.83 -5.84 -18.38
CA PRO A 213 29.23 -6.71 -17.28
C PRO A 213 30.29 -6.05 -16.40
N ILE A 214 30.19 -6.32 -15.10
CA ILE A 214 31.15 -5.84 -14.11
C ILE A 214 31.98 -7.02 -13.65
N SER A 215 33.27 -6.97 -13.96
CA SER A 215 34.19 -8.06 -13.64
C SER A 215 34.71 -7.88 -12.23
N VAL A 216 34.38 -8.82 -11.34
CA VAL A 216 34.75 -8.75 -9.93
C VAL A 216 35.75 -9.87 -9.67
N ASN A 217 37.03 -9.56 -9.76
CA ASN A 217 38.07 -10.53 -9.46
C ASN A 217 38.29 -10.54 -7.96
N VAL A 218 38.28 -11.73 -7.36
CA VAL A 218 38.42 -11.90 -5.92
C VAL A 218 39.53 -12.90 -5.66
N HIS A 219 40.32 -12.65 -4.63
CA HIS A 219 41.39 -13.57 -4.24
C HIS A 219 41.58 -13.50 -2.74
N VAL A 220 41.41 -14.63 -2.06
CA VAL A 220 41.52 -14.72 -0.61
C VAL A 220 42.48 -15.84 -0.26
N THR A 221 42.92 -15.84 1.00
CA THR A 221 43.95 -16.78 1.46
C THR A 221 43.59 -17.22 2.88
N ASN A 222 42.95 -18.40 2.99
CA ASN A 222 42.57 -18.93 4.29
C ASN A 222 43.72 -19.78 4.83
N ASN A 223 44.67 -19.09 5.47
CA ASN A 223 45.78 -19.79 6.12
C ASN A 223 45.35 -20.40 7.44
N THR A 224 44.42 -19.76 8.15
CA THR A 224 43.98 -20.24 9.45
C THR A 224 42.96 -21.37 9.30
N ASN A 225 42.64 -22.00 10.42
CA ASN A 225 41.60 -23.02 10.41
C ASN A 225 40.23 -22.43 10.12
N LYS A 226 40.02 -21.17 10.45
CA LYS A 226 38.75 -20.52 10.14
C LYS A 226 38.53 -20.53 8.63
N THR A 227 37.30 -20.86 8.23
CA THR A 227 36.97 -21.09 6.84
C THR A 227 35.78 -20.24 6.43
N VAL A 228 35.73 -19.92 5.15
CA VAL A 228 34.63 -19.16 4.58
C VAL A 228 33.56 -20.15 4.08
N LYS A 229 32.31 -19.89 4.44
CA LYS A 229 31.20 -20.70 3.99
C LYS A 229 30.48 -20.09 2.78
N LYS A 230 30.56 -18.78 2.60
CA LYS A 230 29.82 -18.13 1.53
C LYS A 230 30.56 -16.90 1.04
N ILE A 231 30.55 -16.72 -0.28
CA ILE A 231 31.03 -15.50 -0.92
C ILE A 231 29.83 -14.73 -1.42
N LYS A 232 29.91 -13.41 -1.40
CA LYS A 232 28.81 -12.58 -1.84
C LYS A 232 29.36 -11.33 -2.51
N ILE A 233 28.98 -11.11 -3.75
CA ILE A 233 29.38 -9.93 -4.51
C ILE A 233 28.12 -9.13 -4.77
N SER A 234 28.07 -7.91 -4.27
CA SER A 234 26.89 -7.06 -4.40
C SER A 234 27.31 -5.67 -4.86
N VAL A 235 26.92 -5.30 -6.07
CA VAL A 235 27.04 -3.93 -6.53
C VAL A 235 25.94 -3.14 -5.83
N ARG A 236 26.35 -2.22 -4.95
CA ARG A 236 25.46 -1.43 -4.11
C ARG A 236 25.49 0.02 -4.56
N GLN A 237 24.32 0.65 -4.51
CA GLN A 237 24.12 2.03 -4.92
C GLN A 237 23.99 2.88 -3.66
N TYR A 238 24.89 3.84 -3.49
CA TYR A 238 24.88 4.74 -2.36
C TYR A 238 24.20 6.03 -2.77
N ALA A 239 23.19 6.43 -2.03
CA ALA A 239 22.49 7.70 -2.26
C ALA A 239 22.81 8.60 -1.08
N ASP A 240 23.92 9.33 -1.18
CA ASP A 240 24.36 10.20 -0.10
C ASP A 240 23.49 11.45 -0.13
N ILE A 241 22.42 11.44 0.67
CA ILE A 241 21.49 12.55 0.76
C ILE A 241 22.02 13.51 1.82
N VAL A 242 22.55 14.65 1.38
CA VAL A 242 23.08 15.65 2.31
C VAL A 242 21.99 16.58 2.83
N LEU A 243 20.77 16.47 2.32
CA LEU A 243 19.69 17.36 2.74
C LEU A 243 19.47 17.28 4.25
N PHE A 244 19.29 18.44 4.87
CA PHE A 244 18.90 18.53 6.27
C PHE A 244 19.88 17.76 7.16
N ASN A 245 19.72 16.45 7.23
CA ASN A 245 20.61 15.58 8.00
C ASN A 245 21.38 14.70 7.03
N THR A 246 22.67 14.98 6.88
CA THR A 246 23.48 14.22 5.93
C THR A 246 23.61 12.77 6.39
N ALA A 247 23.39 11.84 5.48
CA ALA A 247 23.50 10.42 5.81
C ALA A 247 23.50 9.59 4.53
N GLN A 248 24.47 8.68 4.41
CA GLN A 248 24.57 7.81 3.25
C GLN A 248 23.68 6.60 3.43
N TYR A 249 22.95 6.26 2.37
CA TYR A 249 22.04 5.14 2.37
C TYR A 249 22.56 4.06 1.43
N LYS A 250 22.05 2.84 1.61
CA LYS A 250 22.51 1.70 0.84
C LYS A 250 21.31 0.96 0.28
N VAL A 251 21.45 0.48 -0.96
CA VAL A 251 20.41 -0.28 -1.64
C VAL A 251 21.08 -1.26 -2.58
N PRO A 252 21.21 -2.54 -2.23
CA PRO A 252 21.91 -3.47 -3.13
C PRO A 252 21.25 -3.51 -4.50
N VAL A 253 22.08 -3.45 -5.53
CA VAL A 253 21.62 -3.38 -6.92
C VAL A 253 21.77 -4.73 -7.62
N ALA A 254 22.99 -5.23 -7.72
CA ALA A 254 23.24 -6.48 -8.42
C ALA A 254 23.90 -7.45 -7.45
N MET A 255 23.21 -8.55 -7.15
CA MET A 255 23.66 -9.48 -6.13
C MET A 255 24.04 -10.81 -6.74
N GLU A 256 25.06 -11.44 -6.18
CA GLU A 256 25.44 -12.80 -6.55
C GLU A 256 26.00 -13.44 -5.30
N GLU A 257 25.28 -14.42 -4.77
CA GLU A 257 25.68 -15.15 -3.57
C GLU A 257 26.15 -16.53 -4.03
N ALA A 258 27.45 -16.78 -3.92
CA ALA A 258 28.02 -18.05 -4.33
C ALA A 258 28.40 -18.87 -3.10
N ASP A 259 28.18 -20.18 -3.18
CA ASP A 259 28.53 -21.09 -2.12
C ASP A 259 30.00 -21.51 -2.17
N ASP A 260 30.81 -20.83 -2.99
CA ASP A 260 32.20 -21.24 -3.13
C ASP A 260 32.91 -21.03 -1.80
N THR A 261 33.71 -22.02 -1.42
CA THR A 261 34.37 -22.05 -0.12
C THR A 261 35.88 -22.06 -0.30
N VAL A 262 36.57 -21.82 0.81
CA VAL A 262 38.03 -21.86 0.84
C VAL A 262 38.46 -22.68 2.04
N ALA A 263 39.13 -23.80 1.78
CA ALA A 263 39.56 -24.68 2.84
C ALA A 263 40.68 -24.02 3.64
N PRO A 264 40.92 -24.48 4.87
CA PRO A 264 42.05 -23.95 5.64
C PRO A 264 43.37 -24.16 4.92
N SER A 265 44.28 -23.19 5.09
CA SER A 265 45.59 -23.24 4.46
C SER A 265 45.48 -23.37 2.95
N SER A 266 44.54 -22.63 2.35
CA SER A 266 44.30 -22.70 0.92
C SER A 266 44.09 -21.31 0.36
N THR A 267 44.61 -21.09 -0.84
CA THR A 267 44.47 -19.82 -1.55
C THR A 267 43.44 -20.00 -2.67
N PHE A 268 42.50 -19.06 -2.74
CA PHE A 268 41.37 -19.14 -3.66
C PHE A 268 41.30 -17.87 -4.48
N SER A 269 40.95 -18.01 -5.75
CA SER A 269 40.73 -16.87 -6.63
C SER A 269 39.63 -17.19 -7.61
N LYS A 270 38.93 -16.17 -8.06
CA LYS A 270 37.88 -16.40 -9.06
C LYS A 270 37.35 -15.06 -9.54
N VAL A 271 37.05 -14.98 -10.83
CA VAL A 271 36.58 -13.74 -11.44
C VAL A 271 35.09 -13.88 -11.69
N TYR A 272 34.28 -13.32 -10.80
CA TYR A 272 32.82 -13.35 -10.98
C TYR A 272 32.47 -12.41 -12.12
N THR A 273 31.17 -12.17 -12.30
CA THR A 273 30.72 -11.17 -13.26
C THR A 273 29.29 -10.81 -12.90
N LEU A 274 29.08 -9.58 -12.43
CA LEU A 274 27.77 -9.11 -12.02
C LEU A 274 27.37 -7.92 -12.87
N THR A 275 26.11 -7.88 -13.28
CA THR A 275 25.61 -6.83 -14.16
C THR A 275 24.41 -6.16 -13.50
N PRO A 276 24.51 -4.87 -13.14
CA PRO A 276 23.31 -4.15 -12.70
C PRO A 276 22.24 -4.16 -13.77
N PHE A 277 21.01 -4.37 -13.35
CA PHE A 277 19.87 -4.20 -14.25
C PHE A 277 18.62 -4.00 -13.42
N LEU A 278 17.76 -3.12 -13.89
CA LEU A 278 16.65 -2.62 -13.09
C LEU A 278 15.53 -3.63 -12.91
N ALA A 279 15.38 -4.56 -13.86
CA ALA A 279 14.19 -5.40 -13.89
C ALA A 279 13.98 -6.13 -12.57
N ASN A 280 15.05 -6.69 -12.01
CA ASN A 280 14.97 -7.38 -10.73
C ASN A 280 15.19 -6.43 -9.55
N ASN A 281 15.02 -5.12 -9.77
CA ASN A 281 15.26 -4.11 -8.75
C ASN A 281 14.14 -3.08 -8.67
N ARG A 282 13.03 -3.31 -9.37
CA ARG A 282 11.94 -2.34 -9.35
C ARG A 282 11.34 -2.18 -7.96
N GLU A 283 11.36 -3.25 -7.16
CA GLU A 283 10.65 -3.26 -5.88
C GLU A 283 11.46 -2.66 -4.73
N LYS A 284 12.75 -2.41 -4.91
CA LYS A 284 13.56 -1.87 -3.83
C LYS A 284 13.38 -0.35 -3.76
N ARG A 285 12.80 0.12 -2.68
CA ARG A 285 12.53 1.53 -2.51
C ARG A 285 13.80 2.28 -2.11
N GLY A 286 13.85 3.56 -2.47
CA GLY A 286 15.02 4.37 -2.22
C GLY A 286 16.12 4.24 -3.25
N LEU A 287 15.95 3.36 -4.23
CA LEU A 287 16.92 3.21 -5.29
C LEU A 287 16.98 4.48 -6.14
N ALA A 288 18.15 4.75 -6.69
CA ALA A 288 18.40 5.98 -7.44
C ALA A 288 18.29 5.70 -8.93
N LEU A 289 17.45 6.48 -9.62
CA LEU A 289 17.18 6.30 -11.03
C LEU A 289 17.54 7.57 -11.78
N ASP A 290 18.00 7.40 -13.02
CA ASP A 290 18.55 8.51 -13.79
C ASP A 290 17.43 9.42 -14.27
N GLY A 291 17.81 10.42 -15.07
CA GLY A 291 16.89 11.50 -15.39
C GLY A 291 15.61 10.98 -16.01
N LYS A 292 14.49 11.52 -15.54
CA LYS A 292 13.16 11.17 -16.05
C LYS A 292 12.46 12.45 -16.49
N LEU A 293 12.02 12.48 -17.75
CA LEU A 293 11.09 13.53 -18.16
C LEU A 293 9.69 13.26 -17.62
N LYS A 294 9.27 12.00 -17.65
CA LYS A 294 7.99 11.58 -17.12
C LYS A 294 8.20 10.23 -16.45
N HIS A 295 7.12 9.50 -16.19
CA HIS A 295 7.20 8.24 -15.46
C HIS A 295 7.74 7.10 -16.31
N GLU A 296 8.33 7.37 -17.48
CA GLU A 296 8.86 6.31 -18.33
C GLU A 296 10.06 5.65 -17.66
N ASP A 297 10.35 4.44 -18.11
CA ASP A 297 11.41 3.65 -17.51
C ASP A 297 12.77 4.29 -17.77
N THR A 298 13.66 4.19 -16.79
CA THR A 298 15.01 4.72 -16.92
C THR A 298 15.97 3.80 -16.17
N ASN A 299 17.24 3.85 -16.57
CA ASN A 299 18.23 2.96 -16.01
C ASN A 299 18.51 3.30 -14.55
N LEU A 300 19.30 2.44 -13.91
CA LEU A 300 19.84 2.77 -12.60
C LEU A 300 20.58 4.09 -12.68
N ALA A 301 20.81 4.73 -11.55
CA ALA A 301 21.39 6.07 -11.56
C ALA A 301 22.83 6.04 -12.07
N SER A 302 23.24 7.16 -12.67
CA SER A 302 24.62 7.33 -13.10
C SER A 302 25.46 7.85 -11.94
N SER A 303 26.61 7.24 -11.73
CA SER A 303 27.47 7.67 -10.63
C SER A 303 27.86 9.12 -10.80
N THR A 304 27.74 9.90 -9.72
CA THR A 304 27.97 11.34 -9.79
C THR A 304 29.46 11.63 -9.90
N LEU A 305 29.79 12.64 -10.68
CA LEU A 305 31.17 13.05 -10.92
C LEU A 305 31.38 14.40 -10.26
N LEU A 306 31.74 14.37 -8.97
CA LEU A 306 32.03 15.59 -8.25
C LEU A 306 33.37 16.16 -8.69
N ARG A 307 33.55 17.45 -8.45
CA ARG A 307 34.83 18.10 -8.73
C ARG A 307 35.93 17.39 -7.95
N GLU A 308 37.06 17.17 -8.61
CA GLU A 308 38.12 16.33 -8.04
C GLU A 308 38.67 16.94 -6.77
N GLY A 309 38.32 16.36 -5.63
CA GLY A 309 38.84 16.80 -4.35
C GLY A 309 38.31 18.13 -3.88
N ALA A 310 37.38 18.75 -4.61
CA ALA A 310 36.79 20.01 -4.22
C ALA A 310 35.37 19.84 -3.68
N ASN A 311 34.96 18.61 -3.42
CA ASN A 311 33.60 18.35 -2.97
C ASN A 311 33.34 19.00 -1.63
N ARG A 312 32.22 19.70 -1.51
CA ARG A 312 31.76 20.29 -0.25
C ARG A 312 30.48 19.63 0.24
N GLU A 313 30.27 18.35 -0.11
CA GLU A 313 29.04 17.64 0.21
C GLU A 313 27.83 18.35 -0.38
N ILE A 314 27.80 18.36 -1.72
CA ILE A 314 26.76 19.07 -2.44
C ILE A 314 25.40 18.64 -1.92
N LEU A 315 24.51 19.61 -1.77
CA LEU A 315 23.19 19.34 -1.19
C LEU A 315 22.31 18.65 -2.22
N GLY A 316 21.90 17.42 -1.93
CA GLY A 316 21.08 16.65 -2.83
C GLY A 316 21.41 15.16 -2.83
N ILE A 317 21.09 14.47 -3.91
CA ILE A 317 21.38 13.05 -4.05
C ILE A 317 22.64 12.90 -4.87
N ILE A 318 23.76 12.64 -4.20
CA ILE A 318 25.04 12.42 -4.86
C ILE A 318 25.18 10.90 -4.97
N VAL A 319 24.84 10.37 -6.14
CA VAL A 319 24.84 8.92 -6.32
C VAL A 319 26.27 8.43 -6.47
N SER A 320 26.61 7.40 -5.72
CA SER A 320 27.85 6.67 -5.89
C SER A 320 27.54 5.20 -6.04
N TYR A 321 28.52 4.44 -6.52
CA TYR A 321 28.37 3.01 -6.69
C TYR A 321 29.59 2.32 -6.14
N LYS A 322 29.41 1.11 -5.62
CA LYS A 322 30.59 0.32 -5.32
C LYS A 322 30.22 -1.14 -5.15
N VAL A 323 31.17 -2.00 -5.53
CA VAL A 323 31.01 -3.43 -5.41
C VAL A 323 31.56 -3.86 -4.07
N LYS A 324 30.70 -4.41 -3.21
CA LYS A 324 31.14 -5.00 -1.96
C LYS A 324 31.30 -6.50 -2.18
N VAL A 325 32.51 -6.99 -1.98
CA VAL A 325 32.76 -8.43 -1.93
C VAL A 325 32.96 -8.78 -0.47
N LYS A 326 32.12 -9.69 0.02
CA LYS A 326 32.09 -10.07 1.42
C LYS A 326 32.10 -11.58 1.52
N LEU A 327 33.02 -12.11 2.30
CA LEU A 327 33.10 -13.55 2.56
C LEU A 327 32.83 -13.77 4.04
N VAL A 328 31.93 -14.71 4.32
CA VAL A 328 31.50 -15.00 5.69
C VAL A 328 32.27 -16.21 6.18
N VAL A 329 32.92 -16.07 7.34
CA VAL A 329 33.77 -17.12 7.89
C VAL A 329 32.90 -18.07 8.71
N SER A 330 33.43 -19.25 9.01
CA SER A 330 32.73 -20.24 9.81
C SER A 330 32.39 -19.68 11.19
N ASP A 342 33.03 -11.60 9.16
CA ASP A 342 32.63 -11.15 7.82
C ASP A 342 33.69 -10.25 7.22
N VAL A 343 34.52 -10.81 6.35
CA VAL A 343 35.59 -10.04 5.71
C VAL A 343 35.00 -9.35 4.48
N ALA A 344 35.00 -8.02 4.47
CA ALA A 344 34.41 -7.25 3.41
C ALA A 344 35.43 -6.29 2.82
N VAL A 345 35.28 -5.99 1.54
CA VAL A 345 36.08 -4.95 0.90
C VAL A 345 35.33 -4.43 -0.31
N GLU A 346 35.53 -3.15 -0.61
CA GLU A 346 34.76 -2.45 -1.62
C GLU A 346 35.64 -1.99 -2.77
N LEU A 347 35.02 -1.86 -3.93
CA LEU A 347 35.66 -1.27 -5.11
C LEU A 347 34.74 -0.17 -5.63
N PRO A 348 35.20 1.09 -5.67
CA PRO A 348 34.30 2.20 -6.01
C PRO A 348 34.25 2.51 -7.50
N PHE A 349 33.58 1.67 -8.28
CA PHE A 349 33.53 1.91 -9.71
C PHE A 349 32.57 3.05 -10.02
N THR A 350 32.44 3.35 -11.30
CA THR A 350 31.67 4.49 -11.79
C THR A 350 30.81 4.01 -12.94
N LEU A 351 29.53 3.79 -12.69
CA LEU A 351 28.59 3.28 -13.68
C LEU A 351 27.86 4.46 -14.30
N MET A 352 28.26 4.83 -15.51
CA MET A 352 27.66 5.96 -16.22
C MET A 352 27.73 5.71 -17.71
N HIS A 353 26.90 6.43 -18.45
CA HIS A 353 26.70 6.14 -19.86
C HIS A 353 27.91 6.56 -20.68
N PRO A 354 28.05 6.02 -21.89
CA PRO A 354 28.97 6.62 -22.85
C PRO A 354 28.47 7.99 -23.27
N LYS A 355 29.17 8.67 -24.16
CA LYS A 355 28.66 9.93 -24.67
C LYS A 355 27.98 9.69 -26.01
N PRO A 356 26.67 9.47 -26.03
CA PRO A 356 26.00 9.17 -27.30
C PRO A 356 26.15 10.31 -28.29
N LYS A 357 26.31 9.93 -29.56
CA LYS A 357 26.48 10.93 -30.61
C LYS A 357 25.19 11.70 -30.89
N GLU A 358 24.05 11.13 -30.52
CA GLU A 358 22.75 11.75 -30.73
C GLU A 358 22.05 11.95 -29.41
N GLU A 359 21.08 12.85 -29.40
CA GLU A 359 20.37 13.19 -28.18
C GLU A 359 19.73 11.93 -27.61
N PRO A 360 20.00 11.57 -26.37
CA PRO A 360 19.42 10.34 -25.81
C PRO A 360 17.91 10.44 -25.76
N PRO A 361 17.18 9.55 -26.46
CA PRO A 361 15.71 9.59 -26.41
C PRO A 361 15.21 9.02 -25.10
N HIS A 362 14.73 9.91 -24.22
CA HIS A 362 14.38 9.49 -22.88
C HIS A 362 13.12 8.64 -22.86
N ARG A 363 12.12 9.04 -23.63
CA ARG A 363 10.95 8.18 -23.83
C ARG A 363 11.40 6.86 -24.44
N GLU A 364 10.83 5.76 -23.93
CA GLU A 364 11.12 4.45 -24.50
C GLU A 364 11.04 4.52 -26.02
N VAL A 365 12.15 4.21 -26.68
CA VAL A 365 12.26 4.43 -28.12
C VAL A 365 11.15 3.66 -28.82
N PRO A 366 11.11 2.32 -28.76
CA PRO A 366 9.90 1.62 -29.25
C PRO A 366 8.84 1.52 -28.16
N GLU A 367 8.19 2.64 -27.89
CA GLU A 367 7.28 2.75 -26.77
C GLU A 367 5.99 1.97 -27.01
N HIS A 368 5.35 1.58 -25.92
CA HIS A 368 4.06 0.91 -25.97
C HIS A 368 3.05 1.72 -26.80
N ASP A 378 -1.61 0.36 -35.93
CA ASP A 378 -0.21 0.76 -35.79
C ASP A 378 0.24 1.59 -36.98
N ILE A 379 1.55 1.75 -37.13
CA ILE A 379 2.13 2.49 -38.24
C ILE A 379 2.34 1.52 -39.40
N GLN A 380 1.93 1.93 -40.59
CA GLN A 380 2.13 1.16 -41.81
C GLN A 380 3.25 1.79 -42.61
N MET A 381 4.23 0.97 -43.00
CA MET A 381 5.44 1.46 -43.67
C MET A 381 5.21 1.44 -45.19
N THR A 382 4.60 2.51 -45.69
CA THR A 382 4.30 2.61 -47.12
C THR A 382 5.58 3.00 -47.84
N GLN A 383 6.31 2.00 -48.32
CA GLN A 383 7.56 2.23 -49.03
C GLN A 383 7.33 2.20 -50.53
N SER A 384 8.16 2.94 -51.26
CA SER A 384 8.01 3.05 -52.74
C SER A 384 9.33 3.56 -53.33
N PRO A 385 9.65 3.31 -54.64
CA PRO A 385 8.94 2.31 -55.49
C PRO A 385 9.48 0.90 -55.26
N SER A 386 8.60 -0.09 -55.35
CA SER A 386 9.01 -1.51 -55.13
C SER A 386 10.14 -1.88 -56.09
N SER A 387 10.14 -1.34 -57.32
CA SER A 387 11.15 -1.72 -58.29
C SER A 387 11.61 -0.49 -59.05
N LEU A 388 12.92 -0.39 -59.25
CA LEU A 388 13.49 0.68 -60.07
C LEU A 388 14.85 0.22 -60.55
N SER A 389 15.15 0.50 -61.82
CA SER A 389 16.38 0.07 -62.46
C SER A 389 17.22 1.28 -62.84
N ALA A 390 18.53 1.18 -62.60
CA ALA A 390 19.45 2.25 -62.95
C ALA A 390 20.83 1.64 -63.15
N SER A 391 21.65 2.33 -63.93
CA SER A 391 23.01 1.89 -64.23
C SER A 391 23.92 2.23 -63.06
N VAL A 392 25.23 2.12 -63.26
CA VAL A 392 26.18 2.47 -62.22
C VAL A 392 26.36 3.97 -62.15
N GLY A 393 26.39 4.51 -60.94
CA GLY A 393 26.75 5.90 -60.71
C GLY A 393 25.65 6.91 -60.95
N ASP A 394 24.42 6.49 -61.18
CA ASP A 394 23.34 7.43 -61.37
C ASP A 394 22.80 7.93 -60.02
N ARG A 395 21.92 8.93 -60.11
CA ARG A 395 21.33 9.58 -58.93
C ARG A 395 19.87 9.15 -58.84
N VAL A 396 19.54 8.40 -57.79
CA VAL A 396 18.19 7.89 -57.58
C VAL A 396 17.75 8.19 -56.16
N THR A 397 16.43 8.14 -55.95
CA THR A 397 15.83 8.35 -54.64
C THR A 397 14.83 7.25 -54.36
N ILE A 398 14.78 6.82 -53.11
CA ILE A 398 13.90 5.75 -52.65
C ILE A 398 13.14 6.30 -51.44
N THR A 399 11.90 6.72 -51.66
CA THR A 399 11.17 7.44 -50.64
C THR A 399 10.46 6.46 -49.70
N CYS A 400 9.54 6.98 -48.89
CA CYS A 400 8.72 6.18 -47.99
C CYS A 400 7.70 7.10 -47.33
N ARG A 401 6.82 6.50 -46.55
CA ARG A 401 5.83 7.25 -45.79
C ARG A 401 5.35 6.40 -44.63
N ALA A 402 4.89 7.08 -43.57
CA ALA A 402 4.36 6.44 -42.39
C ALA A 402 2.98 7.01 -42.10
N SER A 403 2.05 6.13 -41.71
CA SER A 403 0.70 6.59 -41.40
C SER A 403 0.72 7.59 -40.25
N GLN A 404 1.52 7.34 -39.22
CA GLN A 404 1.67 8.23 -38.10
C GLN A 404 3.10 8.76 -38.04
N SER A 405 3.26 9.89 -37.36
CA SER A 405 4.57 10.51 -37.26
C SER A 405 5.54 9.61 -36.50
N VAL A 406 6.79 9.61 -36.94
CA VAL A 406 7.84 8.86 -36.26
C VAL A 406 8.97 9.77 -35.76
N SER A 407 9.12 10.97 -36.31
CA SER A 407 10.04 11.97 -35.79
C SER A 407 11.49 11.46 -35.80
N SER A 408 11.99 11.23 -37.02
CA SER A 408 13.40 10.87 -37.21
C SER A 408 13.81 9.74 -36.30
N ALA A 409 12.96 8.72 -36.19
CA ALA A 409 13.25 7.53 -35.42
C ALA A 409 13.21 6.29 -36.32
N VAL A 410 13.64 6.44 -37.56
CA VAL A 410 13.64 5.36 -38.53
C VAL A 410 15.07 5.01 -38.90
N ALA A 411 15.20 3.84 -39.53
CA ALA A 411 16.48 3.35 -40.01
C ALA A 411 16.28 2.67 -41.35
N TRP A 412 17.38 2.37 -42.02
CA TRP A 412 17.36 1.71 -43.33
C TRP A 412 18.31 0.53 -43.33
N TYR A 413 17.94 -0.50 -44.07
CA TYR A 413 18.72 -1.72 -44.19
C TYR A 413 18.79 -2.16 -45.64
N GLN A 414 19.90 -2.81 -45.99
CA GLN A 414 20.24 -3.17 -47.36
C GLN A 414 20.29 -4.68 -47.47
N GLN A 415 19.21 -5.30 -47.96
CA GLN A 415 19.15 -6.74 -48.13
C GLN A 415 19.67 -7.09 -49.52
N LYS A 416 20.88 -7.62 -49.60
CA LYS A 416 21.28 -8.32 -50.79
C LYS A 416 20.55 -9.66 -50.85
N PRO A 417 20.17 -10.18 -52.04
CA PRO A 417 19.36 -11.43 -52.14
C PRO A 417 19.92 -12.52 -51.23
N GLY A 418 19.12 -12.98 -50.28
CA GLY A 418 19.56 -14.06 -49.37
C GLY A 418 20.77 -13.63 -48.54
N LYS A 419 20.90 -12.33 -48.28
CA LYS A 419 22.03 -11.82 -47.45
C LYS A 419 21.47 -10.96 -46.32
N ALA A 420 21.83 -11.26 -45.07
CA ALA A 420 21.35 -10.49 -43.90
C ALA A 420 21.39 -8.99 -44.21
N PRO A 421 20.26 -8.26 -44.19
CA PRO A 421 20.31 -6.81 -44.37
C PRO A 421 21.20 -6.13 -43.34
N LYS A 422 21.94 -5.11 -43.78
CA LYS A 422 22.88 -4.37 -42.95
C LYS A 422 22.36 -2.96 -42.72
N LEU A 423 22.55 -2.44 -41.52
CA LEU A 423 22.07 -1.11 -41.20
C LEU A 423 22.92 -0.06 -41.90
N LEU A 424 22.25 0.88 -42.58
CA LEU A 424 22.95 1.96 -43.27
C LEU A 424 22.63 3.31 -42.65
N ILE A 425 21.36 3.70 -42.59
CA ILE A 425 20.92 4.97 -42.03
C ILE A 425 20.23 4.69 -40.71
N TYR A 426 20.50 5.52 -39.70
CA TYR A 426 19.82 5.43 -38.42
C TYR A 426 19.53 6.85 -37.95
N SER A 427 18.31 7.07 -37.46
CA SER A 427 17.78 8.38 -37.14
C SER A 427 17.41 9.18 -38.38
N ALA A 428 17.47 8.58 -39.55
CA ALA A 428 17.05 9.20 -40.80
C ALA A 428 18.06 10.23 -41.30
N SER A 429 19.07 10.53 -40.49
CA SER A 429 20.13 11.45 -40.88
C SER A 429 21.51 10.83 -40.77
N SER A 430 21.82 10.18 -39.65
CA SER A 430 23.18 9.76 -39.36
C SER A 430 23.52 8.50 -40.13
N LEU A 431 24.60 8.57 -40.92
CA LEU A 431 25.08 7.39 -41.62
C LEU A 431 25.80 6.47 -40.65
N TYR A 432 25.43 5.19 -40.66
CA TYR A 432 26.05 4.25 -39.74
C TYR A 432 27.54 4.14 -40.03
N SER A 433 28.33 4.05 -38.97
CA SER A 433 29.77 3.95 -39.13
C SER A 433 30.13 2.70 -39.94
N GLY A 434 31.19 2.82 -40.74
CA GLY A 434 31.61 1.72 -41.58
C GLY A 434 30.77 1.55 -42.83
N VAL A 435 29.90 2.50 -43.14
CA VAL A 435 29.04 2.45 -44.32
C VAL A 435 29.45 3.59 -45.24
N PRO A 436 29.58 3.36 -46.54
CA PRO A 436 29.95 4.49 -47.42
C PRO A 436 28.87 5.54 -47.45
N SER A 437 29.28 6.79 -47.59
CA SER A 437 28.35 7.90 -47.64
C SER A 437 27.71 8.06 -49.02
N ARG A 438 27.80 7.04 -49.88
CA ARG A 438 26.98 7.04 -51.07
C ARG A 438 25.50 7.18 -50.72
N PHE A 439 25.11 6.68 -49.56
CA PHE A 439 23.75 6.81 -49.07
C PHE A 439 23.65 8.00 -48.13
N SER A 440 22.58 8.78 -48.28
CA SER A 440 22.29 9.90 -47.41
C SER A 440 20.81 9.86 -47.02
N GLY A 441 20.55 10.22 -45.77
CA GLY A 441 19.20 10.19 -45.23
C GLY A 441 18.60 11.58 -45.19
N SER A 442 17.27 11.63 -45.26
CA SER A 442 16.58 12.91 -45.13
C SER A 442 15.17 12.67 -44.61
N ARG A 443 14.65 13.66 -43.90
CA ARG A 443 13.29 13.61 -43.39
C ARG A 443 12.52 14.82 -43.89
N SER A 444 11.22 14.62 -44.12
CA SER A 444 10.33 15.70 -44.48
C SER A 444 8.94 15.28 -44.01
N GLY A 445 8.55 15.77 -42.84
CA GLY A 445 7.33 15.25 -42.24
C GLY A 445 7.45 13.76 -42.07
N THR A 446 6.42 13.04 -42.50
CA THR A 446 6.43 11.59 -42.41
C THR A 446 7.18 10.92 -43.56
N ASP A 447 7.62 11.66 -44.56
CA ASP A 447 8.33 11.10 -45.71
C ASP A 447 9.82 11.04 -45.39
N PHE A 448 10.33 9.82 -45.23
CA PHE A 448 11.75 9.59 -44.95
C PHE A 448 12.39 9.04 -46.21
N THR A 449 13.38 9.76 -46.73
CA THR A 449 13.97 9.48 -48.03
C THR A 449 15.42 9.07 -47.89
N LEU A 450 15.81 8.10 -48.72
CA LEU A 450 17.20 7.65 -48.84
C LEU A 450 17.69 8.03 -50.23
N THR A 451 18.62 8.96 -50.31
CA THR A 451 19.14 9.47 -51.57
C THR A 451 20.55 8.92 -51.78
N ILE A 452 20.78 8.31 -52.93
CA ILE A 452 22.10 7.80 -53.26
C ILE A 452 22.87 8.86 -54.00
N SER A 453 24.17 8.91 -53.76
CA SER A 453 25.04 9.85 -54.47
C SER A 453 25.60 9.27 -55.76
N SER A 454 25.85 7.96 -55.79
CA SER A 454 26.34 7.29 -56.99
C SER A 454 26.08 5.81 -56.83
N LEU A 455 25.33 5.22 -57.76
CA LEU A 455 24.95 3.83 -57.67
C LEU A 455 26.14 2.96 -58.04
N GLN A 456 26.90 2.55 -57.03
CA GLN A 456 28.03 1.67 -57.26
C GLN A 456 27.53 0.26 -57.58
N PRO A 457 28.38 -0.57 -58.18
CA PRO A 457 27.96 -1.96 -58.44
C PRO A 457 27.49 -2.68 -57.20
N GLU A 458 28.09 -2.39 -56.04
CA GLU A 458 27.65 -2.99 -54.80
C GLU A 458 26.32 -2.35 -54.40
N ASP A 459 25.29 -2.61 -55.20
CA ASP A 459 23.95 -2.10 -54.91
C ASP A 459 22.88 -3.13 -55.25
N PHE A 460 23.25 -4.36 -55.59
CA PHE A 460 22.27 -5.37 -55.96
C PHE A 460 21.52 -5.81 -54.71
N ALA A 461 20.71 -4.92 -54.17
CA ALA A 461 19.97 -5.20 -52.96
C ALA A 461 18.67 -4.41 -52.96
N THR A 462 17.73 -4.87 -52.15
CA THR A 462 16.51 -4.14 -51.87
C THR A 462 16.65 -3.42 -50.54
N TYR A 463 16.20 -2.17 -50.51
CA TYR A 463 16.32 -1.31 -49.35
C TYR A 463 15.00 -1.29 -48.59
N TYR A 464 15.08 -1.49 -47.28
CA TYR A 464 13.94 -1.46 -46.39
C TYR A 464 14.13 -0.34 -45.38
N CYS A 465 13.02 0.23 -44.91
CA CYS A 465 13.04 1.28 -43.90
C CYS A 465 12.14 0.89 -42.74
N GLN A 466 12.69 0.95 -41.54
CA GLN A 466 12.02 0.51 -40.32
C GLN A 466 11.76 1.71 -39.42
N GLN A 467 10.62 1.69 -38.75
CA GLN A 467 10.30 2.65 -37.70
C GLN A 467 10.30 1.92 -36.37
N TYR A 468 11.07 2.43 -35.41
CA TYR A 468 11.19 1.81 -34.10
C TYR A 468 10.70 2.73 -32.98
N LYS A 469 9.90 3.75 -33.33
CA LYS A 469 9.32 4.59 -32.30
C LYS A 469 8.18 3.92 -31.56
N TYR A 470 7.68 2.79 -32.07
CA TYR A 470 6.55 2.11 -31.45
C TYR A 470 6.76 0.61 -31.56
N VAL A 471 6.11 -0.13 -30.66
CA VAL A 471 6.34 -1.56 -30.57
C VAL A 471 6.12 -2.28 -31.89
N PRO A 472 5.06 -2.00 -32.64
CA PRO A 472 4.97 -2.61 -33.96
C PRO A 472 6.03 -2.02 -34.86
N VAL A 473 7.12 -2.77 -35.05
CA VAL A 473 8.30 -2.25 -35.74
C VAL A 473 8.05 -2.49 -37.22
N THR A 474 7.40 -1.52 -37.86
CA THR A 474 6.95 -1.67 -39.24
C THR A 474 8.13 -1.52 -40.17
N PHE A 475 8.66 -2.64 -40.65
CA PHE A 475 9.72 -2.59 -41.64
C PHE A 475 9.19 -2.09 -42.96
N GLY A 476 10.11 -1.72 -43.85
CA GLY A 476 9.71 -1.26 -45.16
C GLY A 476 9.07 -2.37 -45.97
N GLN A 477 8.17 -1.99 -46.87
CA GLN A 477 7.53 -2.96 -47.74
C GLN A 477 8.48 -3.51 -48.78
N GLY A 478 9.62 -2.87 -48.99
CA GLY A 478 10.62 -3.36 -49.93
C GLY A 478 10.78 -2.48 -51.14
N THR A 479 11.97 -1.89 -51.30
CA THR A 479 12.29 -1.07 -52.46
C THR A 479 13.48 -1.71 -53.17
N LYS A 480 13.21 -2.51 -54.21
CA LYS A 480 14.26 -3.23 -54.92
C LYS A 480 14.80 -2.34 -56.03
N VAL A 481 16.07 -1.99 -55.95
CA VAL A 481 16.75 -1.21 -56.97
C VAL A 481 17.57 -2.16 -57.83
N GLU A 482 17.38 -2.10 -59.15
CA GLU A 482 18.10 -2.97 -60.08
C GLU A 482 19.34 -2.24 -60.56
N ILE A 483 20.51 -2.83 -60.30
CA ILE A 483 21.77 -2.22 -60.72
C ILE A 483 21.86 -2.14 -62.24
N LYS A 484 21.03 -2.88 -62.95
CA LYS A 484 20.99 -2.81 -64.40
C LYS A 484 20.25 -1.55 -64.85
N VAL A 502 30.64 -7.69 -33.87
CA VAL A 502 30.84 -9.03 -34.41
C VAL A 502 29.57 -9.48 -35.14
N GLN A 503 29.09 -10.68 -34.86
CA GLN A 503 27.88 -11.19 -35.50
C GLN A 503 27.21 -12.18 -34.57
N LEU A 504 25.96 -12.49 -34.88
CA LEU A 504 25.15 -13.42 -34.10
C LEU A 504 24.87 -14.65 -34.96
N VAL A 505 25.18 -15.83 -34.42
CA VAL A 505 25.01 -17.08 -35.15
C VAL A 505 23.65 -17.66 -34.78
N GLU A 506 22.78 -17.81 -35.78
CA GLU A 506 21.42 -18.27 -35.58
C GLU A 506 21.25 -19.64 -36.20
N SER A 507 20.59 -20.54 -35.46
CA SER A 507 20.51 -21.94 -35.83
C SER A 507 19.37 -22.57 -35.06
N GLY A 508 19.30 -23.90 -35.09
CA GLY A 508 18.25 -24.62 -34.39
C GLY A 508 16.88 -24.46 -35.01
N GLY A 509 16.78 -24.57 -36.33
CA GLY A 509 15.52 -24.44 -37.05
C GLY A 509 15.11 -25.76 -37.68
N GLY A 510 13.81 -26.04 -37.61
CA GLY A 510 13.25 -27.24 -38.17
C GLY A 510 12.03 -26.98 -39.04
N LEU A 511 12.07 -27.45 -40.29
CA LEU A 511 11.01 -27.20 -41.25
C LEU A 511 9.97 -28.31 -41.20
N VAL A 512 9.08 -28.33 -42.19
CA VAL A 512 8.02 -29.33 -42.33
C VAL A 512 7.40 -29.64 -40.97
N GLN A 513 7.07 -28.60 -40.20
CA GLN A 513 6.29 -28.75 -38.98
C GLN A 513 4.95 -28.07 -39.15
N PRO A 514 3.86 -28.80 -39.33
CA PRO A 514 2.60 -28.14 -39.69
C PRO A 514 2.05 -27.25 -38.58
N GLY A 515 1.92 -27.81 -37.39
CA GLY A 515 1.41 -27.05 -36.27
C GLY A 515 2.18 -27.34 -35.00
N GLY A 516 3.44 -27.75 -35.13
CA GLY A 516 4.26 -28.09 -33.99
C GLY A 516 4.98 -26.88 -33.41
N SER A 517 5.85 -27.16 -32.46
CA SER A 517 6.64 -26.14 -31.78
C SER A 517 8.06 -26.13 -32.35
N LEU A 518 8.93 -25.34 -31.74
CA LEU A 518 10.33 -25.25 -32.18
C LEU A 518 11.06 -24.36 -31.18
N ARG A 519 12.36 -24.18 -31.39
CA ARG A 519 13.10 -23.14 -30.67
C ARG A 519 14.35 -22.79 -31.46
N LEU A 520 14.41 -21.56 -31.95
CA LEU A 520 15.56 -21.06 -32.68
C LEU A 520 16.54 -20.44 -31.70
N SER A 521 17.82 -20.81 -31.82
CA SER A 521 18.86 -20.36 -30.91
C SER A 521 19.78 -19.39 -31.62
N CYS A 522 19.99 -18.22 -31.01
CA CYS A 522 20.85 -17.18 -31.56
C CYS A 522 21.94 -16.88 -30.54
N ALA A 523 23.15 -17.31 -30.83
CA ALA A 523 24.29 -17.06 -29.96
C ALA A 523 24.96 -15.75 -30.35
N ALA A 524 25.13 -14.87 -29.37
CA ALA A 524 25.78 -13.57 -29.56
C ALA A 524 27.23 -13.68 -29.09
N SER A 525 28.16 -13.43 -30.02
CA SER A 525 29.58 -13.59 -29.67
C SER A 525 30.09 -12.45 -28.81
N GLY A 526 29.68 -11.21 -29.10
CA GLY A 526 30.25 -10.06 -28.43
C GLY A 526 29.25 -9.00 -28.00
N PHE A 527 28.04 -9.43 -27.63
CA PHE A 527 27.01 -8.50 -27.18
C PHE A 527 26.27 -9.13 -26.00
N ASN A 528 26.21 -8.41 -24.88
CA ASN A 528 25.52 -8.89 -23.69
C ASN A 528 24.07 -8.43 -23.74
N VAL A 529 23.15 -9.34 -23.43
CA VAL A 529 21.72 -9.04 -23.53
C VAL A 529 21.27 -8.00 -22.53
N TYR A 530 22.09 -7.68 -21.52
CA TYR A 530 21.70 -6.67 -20.55
C TYR A 530 21.83 -5.26 -21.11
N SER A 531 22.84 -5.01 -21.94
CA SER A 531 22.97 -3.76 -22.65
C SER A 531 22.50 -3.85 -24.10
N SER A 532 21.99 -5.00 -24.52
CA SER A 532 21.56 -5.21 -25.89
C SER A 532 20.17 -5.83 -25.90
N SER A 533 19.35 -5.39 -26.86
CA SER A 533 18.01 -5.90 -27.05
C SER A 533 17.99 -6.74 -28.31
N ILE A 534 17.39 -7.93 -28.22
CA ILE A 534 17.38 -8.88 -29.33
C ILE A 534 16.02 -8.77 -30.03
N HIS A 535 16.06 -8.49 -31.33
CA HIS A 535 14.87 -8.27 -32.14
C HIS A 535 14.78 -9.39 -33.19
N TRP A 536 14.20 -10.52 -32.79
CA TRP A 536 13.90 -11.59 -33.74
C TRP A 536 12.90 -11.09 -34.77
N VAL A 537 13.27 -11.20 -36.04
CA VAL A 537 12.40 -10.80 -37.15
C VAL A 537 12.32 -11.97 -38.14
N ARG A 538 11.33 -11.89 -39.03
CA ARG A 538 11.12 -12.92 -40.04
C ARG A 538 10.87 -12.28 -41.40
N GLN A 539 11.35 -12.94 -42.45
CA GLN A 539 11.14 -12.49 -43.83
C GLN A 539 10.44 -13.59 -44.60
N ALA A 540 9.23 -13.30 -45.07
CA ALA A 540 8.49 -14.21 -45.92
C ALA A 540 9.02 -14.11 -47.35
N PRO A 541 8.76 -15.13 -48.18
CA PRO A 541 9.30 -15.11 -49.54
C PRO A 541 8.92 -13.85 -50.29
N GLY A 542 9.93 -13.16 -50.82
CA GLY A 542 9.67 -12.00 -51.66
C GLY A 542 8.84 -10.94 -50.99
N LYS A 543 9.10 -10.67 -49.70
CA LYS A 543 8.38 -9.65 -48.97
C LYS A 543 9.31 -9.05 -47.92
N GLY A 544 8.96 -7.86 -47.46
CA GLY A 544 9.72 -7.23 -46.40
C GLY A 544 9.54 -7.97 -45.08
N LEU A 545 10.57 -7.89 -44.24
CA LEU A 545 10.54 -8.60 -42.97
C LEU A 545 9.45 -8.04 -42.08
N GLU A 546 8.91 -8.89 -41.22
CA GLU A 546 7.93 -8.49 -40.21
C GLU A 546 8.44 -8.93 -38.85
N TRP A 547 8.39 -8.01 -37.89
CA TRP A 547 8.99 -8.25 -36.59
C TRP A 547 8.31 -9.41 -35.88
N VAL A 548 9.10 -10.25 -35.22
CA VAL A 548 8.59 -11.46 -34.57
C VAL A 548 8.52 -11.24 -33.07
N ALA A 549 9.66 -11.00 -32.42
CA ALA A 549 9.66 -10.85 -30.97
C ALA A 549 10.88 -10.05 -30.51
N SER A 550 10.65 -9.10 -29.60
CA SER A 550 11.70 -8.26 -29.06
C SER A 550 11.88 -8.55 -27.57
N ILE A 551 13.12 -8.73 -27.15
CA ILE A 551 13.45 -8.93 -25.74
C ILE A 551 14.46 -7.88 -25.33
N SER A 552 14.21 -7.25 -24.17
CA SER A 552 15.08 -6.25 -23.59
C SER A 552 15.33 -6.66 -22.14
N SER A 553 16.48 -7.29 -21.91
CA SER A 553 16.76 -7.86 -20.59
C SER A 553 16.78 -6.80 -19.51
N TYR A 554 17.37 -5.64 -19.81
CA TYR A 554 17.62 -4.64 -18.77
C TYR A 554 16.33 -4.25 -18.06
N TYR A 555 15.33 -3.81 -18.82
CA TYR A 555 14.11 -3.34 -18.20
C TYR A 555 13.19 -4.50 -17.81
N GLY A 556 13.21 -5.59 -18.59
CA GLY A 556 12.48 -6.80 -18.28
C GLY A 556 11.36 -7.12 -19.25
N TYR A 557 10.63 -6.10 -19.71
CA TYR A 557 9.45 -6.35 -20.52
C TYR A 557 9.85 -6.90 -21.90
N THR A 558 9.05 -7.83 -22.38
CA THR A 558 9.25 -8.48 -23.68
C THR A 558 8.05 -8.20 -24.57
N TYR A 559 8.31 -7.72 -25.77
CA TYR A 559 7.23 -7.37 -26.69
C TYR A 559 7.08 -8.48 -27.74
N TYR A 560 5.83 -8.83 -28.05
CA TYR A 560 5.53 -9.91 -28.96
C TYR A 560 4.78 -9.36 -30.17
N ALA A 561 5.08 -9.89 -31.35
CA ALA A 561 4.48 -9.37 -32.57
C ALA A 561 2.97 -9.55 -32.54
N ASP A 562 2.26 -8.58 -33.11
CA ASP A 562 0.81 -8.55 -33.00
C ASP A 562 0.17 -9.80 -33.60
N SER A 563 0.61 -10.18 -34.80
CA SER A 563 0.00 -11.30 -35.50
C SER A 563 0.38 -12.65 -34.91
N VAL A 564 1.44 -12.71 -34.12
CA VAL A 564 1.91 -13.96 -33.50
C VAL A 564 2.21 -13.61 -32.04
N LYS A 565 1.26 -13.91 -31.15
CA LYS A 565 1.27 -13.37 -29.80
C LYS A 565 1.48 -14.42 -28.73
N GLY A 566 0.61 -15.41 -28.64
CA GLY A 566 0.71 -16.39 -27.58
C GLY A 566 1.58 -17.59 -27.88
N ARG A 567 2.03 -17.72 -29.12
CA ARG A 567 2.77 -18.91 -29.55
C ARG A 567 4.27 -18.68 -29.65
N PHE A 568 4.70 -17.47 -30.01
CA PHE A 568 6.11 -17.17 -30.19
C PHE A 568 6.63 -16.53 -28.90
N THR A 569 7.53 -17.21 -28.21
CA THR A 569 8.08 -16.75 -26.94
C THR A 569 9.55 -16.41 -27.13
N ILE A 570 10.02 -15.39 -26.42
CA ILE A 570 11.42 -14.95 -26.51
C ILE A 570 12.01 -14.93 -25.12
N SER A 571 13.17 -15.58 -24.96
CA SER A 571 13.86 -15.60 -23.67
C SER A 571 15.35 -15.63 -23.93
N ALA A 572 16.07 -14.66 -23.39
CA ALA A 572 17.50 -14.52 -23.64
C ALA A 572 18.23 -14.95 -22.36
N ASP A 573 18.83 -16.14 -22.41
CA ASP A 573 19.58 -16.64 -21.27
C ASP A 573 20.94 -15.95 -21.21
N THR A 574 21.23 -15.33 -20.07
CA THR A 574 22.44 -14.52 -19.94
C THR A 574 23.70 -15.37 -19.77
N SER A 575 23.57 -16.54 -19.15
CA SER A 575 24.76 -17.34 -18.83
C SER A 575 25.60 -17.61 -20.07
N LYS A 576 24.95 -17.69 -21.24
CA LYS A 576 25.66 -17.85 -22.51
C LYS A 576 25.35 -16.74 -23.49
N ASN A 577 24.62 -15.70 -23.07
CA ASN A 577 24.22 -14.62 -23.97
C ASN A 577 23.52 -15.19 -25.19
N THR A 578 22.64 -16.16 -24.98
CA THR A 578 21.97 -16.87 -26.06
C THR A 578 20.49 -16.52 -26.05
N ALA A 579 20.00 -15.97 -27.16
CA ALA A 579 18.59 -15.72 -27.32
C ALA A 579 17.88 -16.99 -27.79
N TYR A 580 16.69 -17.24 -27.26
CA TYR A 580 15.90 -18.40 -27.61
C TYR A 580 14.52 -17.92 -28.05
N LEU A 581 14.16 -18.22 -29.29
CA LEU A 581 12.82 -17.95 -29.82
C LEU A 581 12.07 -19.28 -29.83
N GLN A 582 11.32 -19.52 -28.77
CA GLN A 582 10.46 -20.70 -28.71
C GLN A 582 9.24 -20.49 -29.60
N MET A 583 8.75 -21.60 -30.14
CA MET A 583 7.81 -21.60 -31.24
C MET A 583 6.69 -22.58 -30.92
N ASN A 584 5.46 -22.22 -31.26
CA ASN A 584 4.32 -23.08 -30.98
C ASN A 584 3.24 -22.89 -32.03
N SER A 585 2.50 -23.96 -32.28
CA SER A 585 1.31 -23.94 -33.13
C SER A 585 1.57 -23.19 -34.43
N LEU A 586 2.48 -23.75 -35.23
CA LEU A 586 2.85 -23.15 -36.49
C LEU A 586 1.64 -23.04 -37.42
N ARG A 587 1.64 -21.98 -38.23
CA ARG A 587 0.65 -21.75 -39.27
C ARG A 587 1.35 -21.68 -40.61
N ALA A 588 0.59 -21.95 -41.67
CA ALA A 588 1.19 -22.08 -43.00
C ALA A 588 2.03 -20.87 -43.37
N GLU A 589 1.56 -19.67 -43.02
CA GLU A 589 2.23 -18.44 -43.45
C GLU A 589 3.47 -18.12 -42.63
N ASP A 590 3.72 -18.83 -41.53
CA ASP A 590 4.88 -18.56 -40.69
C ASP A 590 6.17 -19.13 -41.27
N THR A 591 6.10 -19.88 -42.36
CA THR A 591 7.30 -20.23 -43.10
C THR A 591 8.02 -18.97 -43.54
N ALA A 592 9.33 -18.92 -43.29
CA ALA A 592 10.09 -17.73 -43.63
C ALA A 592 11.54 -17.99 -43.27
N VAL A 593 12.39 -17.03 -43.63
CA VAL A 593 13.78 -17.00 -43.19
C VAL A 593 13.84 -16.08 -41.98
N TYR A 594 14.31 -16.61 -40.86
CA TYR A 594 14.28 -15.90 -39.58
C TYR A 594 15.66 -15.33 -39.27
N TYR A 595 15.65 -14.12 -38.73
CA TYR A 595 16.87 -13.39 -38.38
C TYR A 595 16.82 -13.02 -36.90
N CYS A 596 17.97 -13.15 -36.23
CA CYS A 596 18.12 -12.70 -34.85
C CYS A 596 18.97 -11.44 -34.85
N ALA A 597 18.57 -10.46 -34.07
CA ALA A 597 19.08 -9.10 -34.20
C ALA A 597 19.84 -8.65 -32.97
N ARG A 598 20.41 -7.45 -33.08
CA ARG A 598 21.15 -6.83 -31.99
C ARG A 598 20.80 -5.35 -32.01
N SER A 599 20.84 -4.73 -30.83
CA SER A 599 20.64 -3.29 -30.75
C SER A 599 21.07 -2.79 -29.37
N ARG A 600 21.76 -1.64 -29.36
CA ARG A 600 22.16 -1.05 -28.09
C ARG A 600 20.93 -0.79 -27.25
N GLN A 601 20.88 -1.42 -26.07
CA GLN A 601 19.68 -1.30 -25.24
C GLN A 601 19.39 0.16 -24.89
N PHE A 602 20.44 0.98 -24.80
CA PHE A 602 20.30 2.39 -24.43
C PHE A 602 20.56 3.26 -25.66
N TRP A 603 19.62 4.15 -25.95
CA TRP A 603 19.67 4.98 -27.15
C TRP A 603 19.60 4.11 -28.39
N TYR A 604 18.49 3.37 -28.48
CA TYR A 604 18.24 2.43 -29.57
C TYR A 604 18.53 3.07 -30.92
N SER A 605 19.54 2.57 -31.62
CA SER A 605 19.93 3.13 -32.90
C SER A 605 19.23 2.41 -34.04
N GLY A 606 19.41 1.10 -34.11
CA GLY A 606 18.74 0.31 -35.12
C GLY A 606 19.02 -1.15 -34.91
N LEU A 607 18.83 -1.92 -35.96
CA LEU A 607 19.14 -3.34 -35.96
C LEU A 607 20.44 -3.53 -36.74
N ASP A 608 21.56 -3.30 -36.05
CA ASP A 608 22.85 -3.22 -36.72
C ASP A 608 23.46 -4.61 -36.93
N TYR A 609 23.76 -5.32 -35.86
CA TYR A 609 24.43 -6.61 -35.95
C TYR A 609 23.38 -7.70 -36.13
N TRP A 610 23.52 -8.47 -37.21
CA TRP A 610 22.47 -9.38 -37.63
C TRP A 610 23.06 -10.73 -37.99
N GLY A 611 22.25 -11.77 -37.82
CA GLY A 611 22.65 -13.10 -38.20
C GLY A 611 22.47 -13.37 -39.67
N GLN A 612 22.89 -14.55 -40.10
CA GLN A 612 22.84 -14.88 -41.52
C GLN A 612 21.41 -15.16 -41.99
N GLY A 613 20.58 -15.77 -41.15
CA GLY A 613 19.23 -16.15 -41.55
C GLY A 613 19.03 -17.65 -41.60
N THR A 614 18.02 -18.15 -40.90
CA THR A 614 17.73 -19.57 -40.85
C THR A 614 16.36 -19.82 -41.45
N LEU A 615 16.29 -20.67 -42.47
CA LEU A 615 15.05 -20.94 -43.16
C LEU A 615 14.24 -21.98 -42.40
N VAL A 616 12.96 -21.69 -42.16
CA VAL A 616 12.05 -22.62 -41.50
C VAL A 616 10.75 -22.63 -42.28
N THR A 617 10.30 -23.82 -42.67
CA THR A 617 9.11 -23.97 -43.50
C THR A 617 8.04 -24.75 -42.74
N VAL A 618 6.79 -24.40 -43.03
CA VAL A 618 5.62 -24.98 -42.38
C VAL A 618 4.90 -25.83 -43.42
N SER A 619 4.93 -27.14 -43.24
CA SER A 619 4.36 -28.06 -44.22
C SER A 619 4.08 -29.37 -43.50
N SER A 620 3.88 -30.44 -44.28
CA SER A 620 3.65 -31.77 -43.73
C SER A 620 4.73 -32.14 -42.72
N SER B 173 -25.08 -35.60 37.51
CA SER B 173 -24.42 -34.27 37.60
C SER B 173 -24.72 -33.43 36.36
N SER B 174 -25.97 -33.50 35.91
CA SER B 174 -26.38 -32.73 34.73
C SER B 174 -26.08 -31.25 34.92
N GLY B 175 -26.29 -30.74 36.14
CA GLY B 175 -26.01 -29.34 36.40
C GLY B 175 -24.57 -28.95 36.13
N ALA B 176 -23.66 -29.91 36.13
CA ALA B 176 -22.26 -29.68 35.77
C ALA B 176 -21.93 -30.06 34.34
N LEU B 177 -22.62 -31.06 33.78
CA LEU B 177 -22.37 -31.44 32.39
C LEU B 177 -22.87 -30.36 31.43
N ILE B 178 -24.09 -29.89 31.62
CA ILE B 178 -24.67 -28.94 30.66
C ILE B 178 -23.85 -27.67 30.55
N PRO B 179 -23.32 -27.09 31.65
CA PRO B 179 -22.41 -25.94 31.49
C PRO B 179 -21.23 -26.22 30.57
N ALA B 180 -20.71 -27.44 30.59
CA ALA B 180 -19.64 -27.78 29.65
C ALA B 180 -20.16 -27.68 28.21
N ILE B 181 -21.39 -28.11 27.98
CA ILE B 181 -21.98 -27.96 26.65
C ILE B 181 -22.13 -26.49 26.30
N TYR B 182 -22.47 -25.66 27.29
CA TYR B 182 -22.53 -24.23 27.07
C TYR B 182 -21.17 -23.67 26.64
N MET B 183 -20.11 -24.11 27.32
CA MET B 183 -18.77 -23.64 26.97
C MET B 183 -18.41 -24.09 25.56
N LEU B 184 -18.76 -25.33 25.22
CA LEU B 184 -18.48 -25.84 23.88
C LEU B 184 -19.18 -25.00 22.82
N VAL B 185 -20.47 -24.70 23.03
CA VAL B 185 -21.16 -23.88 22.04
C VAL B 185 -20.56 -22.49 22.03
N PHE B 186 -20.13 -21.98 23.19
CA PHE B 186 -19.50 -20.67 23.22
C PHE B 186 -18.32 -20.63 22.28
N LEU B 187 -17.40 -21.59 22.41
CA LEU B 187 -16.22 -21.61 21.54
C LEU B 187 -16.61 -21.82 20.09
N LEU B 188 -17.52 -22.76 19.83
CA LEU B 188 -17.87 -23.08 18.44
C LEU B 188 -18.53 -21.88 17.75
N GLY B 189 -19.46 -21.23 18.44
CA GLY B 189 -20.05 -20.03 17.90
C GLY B 189 -19.03 -18.92 17.72
N THR B 190 -18.16 -18.75 18.71
CA THR B 190 -17.08 -17.79 18.54
C THR B 190 -16.42 -18.00 17.18
N THR B 191 -15.84 -19.17 16.97
CA THR B 191 -15.08 -19.39 15.75
C THR B 191 -15.97 -19.21 14.51
N GLY B 192 -17.10 -19.91 14.47
CA GLY B 192 -17.92 -19.91 13.26
C GLY B 192 -18.51 -18.56 12.93
N ASN B 193 -19.22 -17.94 13.87
CA ASN B 193 -19.83 -16.65 13.61
C ASN B 193 -18.78 -15.57 13.41
N GLY B 194 -17.63 -15.64 14.10
CA GLY B 194 -16.57 -14.71 13.81
C GLY B 194 -16.12 -14.83 12.37
N LEU B 195 -15.93 -16.06 11.89
CA LEU B 195 -15.49 -16.24 10.51
C LEU B 195 -16.53 -15.72 9.52
N VAL B 196 -17.82 -16.01 9.77
CA VAL B 196 -18.83 -15.61 8.79
C VAL B 196 -18.99 -14.10 8.80
N LEU B 197 -18.98 -13.48 9.98
CA LEU B 197 -19.04 -12.04 10.05
C LEU B 197 -17.83 -11.43 9.35
N TRP B 198 -16.66 -12.03 9.54
CA TRP B 198 -15.46 -11.55 8.87
C TRP B 198 -15.63 -11.60 7.36
N THR B 199 -16.10 -12.72 6.84
CA THR B 199 -16.17 -12.87 5.39
C THR B 199 -17.24 -11.95 4.80
N VAL B 200 -18.38 -11.79 5.49
CA VAL B 200 -19.41 -10.89 4.97
C VAL B 200 -18.93 -9.45 5.02
N PHE B 201 -18.19 -9.08 6.07
CA PHE B 201 -17.62 -7.74 6.13
C PHE B 201 -16.59 -7.53 5.02
N ARG B 202 -15.82 -8.57 4.71
CA ARG B 202 -14.83 -8.46 3.64
C ARG B 202 -15.49 -8.19 2.30
N SER B 203 -16.63 -8.85 2.04
CA SER B 203 -17.34 -8.62 0.80
C SER B 203 -17.70 -7.15 0.65
N SER B 204 -17.46 -6.60 -0.52
CA SER B 204 -17.78 -5.21 -0.81
C SER B 204 -19.28 -5.03 -0.95
N ARG B 205 -19.73 -3.79 -0.73
CA ARG B 205 -21.15 -3.49 -0.88
C ARG B 205 -21.62 -3.77 -2.30
N GLU B 206 -20.73 -3.67 -3.29
CA GLU B 206 -21.08 -4.02 -4.65
C GLU B 206 -21.48 -5.50 -4.74
N LYS B 207 -20.70 -6.37 -4.09
CA LYS B 207 -21.06 -7.78 -4.06
C LYS B 207 -22.24 -8.03 -3.12
N ARG B 208 -22.24 -7.37 -1.96
CA ARG B 208 -23.30 -7.59 -0.98
C ARG B 208 -24.65 -7.14 -1.54
N ARG B 209 -25.65 -7.98 -1.35
CA ARG B 209 -27.03 -7.69 -1.73
C ARG B 209 -27.91 -7.87 -0.50
N SER B 210 -29.23 -7.86 -0.72
CA SER B 210 -30.17 -8.01 0.39
C SER B 210 -29.90 -9.30 1.16
N ALA B 211 -29.64 -10.40 0.44
CA ALA B 211 -29.34 -11.66 1.11
C ALA B 211 -28.08 -11.54 1.96
N ASP B 212 -27.05 -10.86 1.44
CA ASP B 212 -25.83 -10.67 2.21
C ASP B 212 -26.10 -9.88 3.48
N ILE B 213 -26.90 -8.81 3.38
CA ILE B 213 -27.21 -8.02 4.57
C ILE B 213 -27.97 -8.86 5.59
N PHE B 214 -28.95 -9.64 5.12
CA PHE B 214 -29.72 -10.47 6.04
C PHE B 214 -28.84 -11.50 6.73
N ILE B 215 -27.96 -12.16 5.98
CA ILE B 215 -27.11 -13.17 6.59
C ILE B 215 -26.11 -12.53 7.54
N ALA B 216 -25.62 -11.33 7.22
CA ALA B 216 -24.73 -10.63 8.15
C ALA B 216 -25.46 -10.29 9.44
N SER B 217 -26.70 -9.81 9.34
CA SER B 217 -27.47 -9.52 10.54
C SER B 217 -27.70 -10.78 11.35
N LEU B 218 -28.01 -11.89 10.69
CA LEU B 218 -28.16 -13.16 11.39
C LEU B 218 -26.86 -13.55 12.08
N ALA B 219 -25.73 -13.34 11.40
CA ALA B 219 -24.44 -13.70 11.98
C ALA B 219 -24.15 -12.87 13.23
N VAL B 220 -24.43 -11.56 13.17
CA VAL B 220 -24.20 -10.71 14.34
C VAL B 220 -25.13 -11.09 15.47
N ALA B 221 -26.39 -11.40 15.14
CA ALA B 221 -27.33 -11.82 16.18
C ALA B 221 -26.85 -13.08 16.85
N ASP B 222 -26.37 -14.04 16.07
CA ASP B 222 -25.88 -15.30 16.63
C ASP B 222 -24.60 -15.08 17.44
N LEU B 223 -23.72 -14.18 16.96
CA LEU B 223 -22.50 -13.89 17.70
C LEU B 223 -22.83 -13.30 19.07
N THR B 224 -23.77 -12.36 19.12
CA THR B 224 -24.20 -11.83 20.42
C THR B 224 -24.85 -12.92 21.25
N PHE B 225 -25.69 -13.75 20.62
CA PHE B 225 -26.34 -14.86 21.30
C PHE B 225 -25.31 -15.72 22.03
N VAL B 226 -24.19 -16.01 21.37
CA VAL B 226 -23.19 -16.88 21.95
C VAL B 226 -22.21 -16.14 22.84
N VAL B 227 -22.07 -14.82 22.66
CA VAL B 227 -21.11 -14.05 23.46
C VAL B 227 -21.69 -13.71 24.81
N THR B 228 -22.99 -13.49 24.91
CA THR B 228 -23.61 -13.28 26.20
C THR B 228 -23.81 -14.58 26.97
N LEU B 229 -23.23 -15.68 26.50
CA LEU B 229 -23.42 -16.99 27.08
C LEU B 229 -22.54 -17.24 28.30
N PRO B 230 -21.23 -16.95 28.24
CA PRO B 230 -20.34 -17.43 29.31
C PRO B 230 -20.79 -17.02 30.70
N LEU B 231 -21.40 -15.84 30.82
CA LEU B 231 -22.06 -15.50 32.06
C LEU B 231 -23.02 -16.61 32.48
N TRP B 232 -23.83 -17.08 31.53
CA TRP B 232 -24.78 -18.14 31.83
C TRP B 232 -24.08 -19.47 32.07
N ALA B 233 -22.98 -19.72 31.37
CA ALA B 233 -22.21 -20.92 31.63
C ALA B 233 -21.78 -20.97 33.08
N THR B 234 -21.20 -19.88 33.58
CA THR B 234 -20.84 -19.80 34.99
C THR B 234 -22.08 -19.92 35.86
N TYR B 235 -23.18 -19.27 35.45
CA TYR B 235 -24.41 -19.31 36.24
C TYR B 235 -24.84 -20.74 36.50
N THR B 236 -24.93 -21.54 35.44
CA THR B 236 -25.33 -22.93 35.58
C THR B 236 -24.24 -23.78 36.22
N TYR B 237 -22.98 -23.39 36.09
CA TYR B 237 -21.91 -24.08 36.80
C TYR B 237 -22.08 -23.94 38.30
N ARG B 238 -22.54 -22.77 38.76
CA ARG B 238 -22.84 -22.55 40.17
C ARG B 238 -24.23 -23.01 40.55
N ASP B 239 -24.83 -23.92 39.78
CA ASP B 239 -26.14 -24.49 40.08
C ASP B 239 -27.20 -23.39 40.16
N TYR B 240 -27.39 -22.72 39.03
CA TYR B 240 -28.38 -21.65 38.91
C TYR B 240 -28.15 -20.54 39.93
N ASP B 241 -26.88 -20.26 40.21
CA ASP B 241 -26.49 -19.15 41.06
C ASP B 241 -25.75 -18.11 40.22
N TRP B 242 -26.07 -16.84 40.43
CA TRP B 242 -25.60 -15.76 39.57
C TRP B 242 -24.77 -14.76 40.38
N PRO B 243 -23.45 -14.87 40.37
CA PRO B 243 -22.60 -13.86 41.02
C PRO B 243 -22.10 -12.75 40.11
N PHE B 244 -22.60 -12.66 38.88
CA PHE B 244 -22.07 -11.72 37.89
C PHE B 244 -22.73 -10.35 37.97
N GLY B 245 -23.25 -9.98 39.12
CA GLY B 245 -23.87 -8.67 39.27
C GLY B 245 -25.35 -8.70 38.91
N THR B 246 -26.10 -7.84 39.59
CA THR B 246 -27.56 -7.86 39.44
C THR B 246 -27.96 -7.48 38.02
N PHE B 247 -27.38 -6.41 37.48
CA PHE B 247 -27.89 -5.87 36.22
C PHE B 247 -27.47 -6.73 35.03
N PHE B 248 -26.25 -7.23 35.04
CA PHE B 248 -25.79 -7.98 33.87
C PHE B 248 -26.62 -9.22 33.62
N CYS B 249 -27.31 -9.76 34.63
CA CYS B 249 -28.23 -10.84 34.33
C CYS B 249 -29.38 -10.35 33.45
N LYS B 250 -29.93 -9.17 33.77
CA LYS B 250 -31.00 -8.61 32.96
C LYS B 250 -30.52 -8.30 31.55
N LEU B 251 -29.33 -7.69 31.44
CA LEU B 251 -28.82 -7.36 30.11
C LEU B 251 -28.55 -8.62 29.30
N SER B 252 -27.99 -9.65 29.94
CA SER B 252 -27.72 -10.90 29.24
C SER B 252 -29.01 -11.57 28.78
N SER B 253 -30.06 -11.52 29.62
CA SER B 253 -31.34 -12.08 29.21
C SER B 253 -31.91 -11.32 28.01
N TYR B 254 -31.86 -9.99 28.06
CA TYR B 254 -32.31 -9.18 26.94
C TYR B 254 -31.56 -9.57 25.67
N LEU B 255 -30.24 -9.64 25.76
CA LEU B 255 -29.44 -9.94 24.57
C LEU B 255 -29.73 -11.35 24.06
N ILE B 256 -29.92 -12.31 24.96
CA ILE B 256 -30.24 -13.66 24.52
C ILE B 256 -31.57 -13.68 23.76
N PHE B 257 -32.61 -13.10 24.35
CA PHE B 257 -33.91 -13.14 23.69
C PHE B 257 -33.87 -12.38 22.37
N VAL B 258 -33.20 -11.23 22.36
CA VAL B 258 -33.18 -10.43 21.14
C VAL B 258 -32.38 -11.14 20.06
N ASN B 259 -31.26 -11.74 20.42
CA ASN B 259 -30.46 -12.47 19.45
C ASN B 259 -31.22 -13.67 18.91
N MET B 260 -31.90 -14.43 19.77
CA MET B 260 -32.65 -15.59 19.31
C MET B 260 -33.77 -15.17 18.36
N TYR B 261 -34.60 -14.23 18.79
CA TYR B 261 -35.72 -13.80 17.95
C TYR B 261 -35.23 -13.19 16.66
N ALA B 262 -34.20 -12.34 16.72
CA ALA B 262 -33.67 -11.73 15.52
C ALA B 262 -33.07 -12.76 14.59
N SER B 263 -32.42 -13.80 15.14
CA SER B 263 -31.85 -14.84 14.29
C SER B 263 -32.94 -15.59 13.54
N VAL B 264 -33.98 -16.02 14.25
CA VAL B 264 -35.06 -16.74 13.58
C VAL B 264 -35.75 -15.83 12.56
N PHE B 265 -35.96 -14.56 12.92
CA PHE B 265 -36.63 -13.64 12.01
C PHE B 265 -35.79 -13.39 10.76
N CYS B 266 -34.47 -13.24 10.93
CA CYS B 266 -33.58 -13.02 9.80
C CYS B 266 -33.52 -14.24 8.89
N LEU B 267 -33.51 -15.44 9.48
CA LEU B 267 -33.57 -16.65 8.66
C LEU B 267 -34.89 -16.71 7.88
N THR B 268 -36.00 -16.37 8.53
CA THR B 268 -37.28 -16.35 7.82
C THR B 268 -37.26 -15.33 6.70
N GLY B 269 -36.70 -14.15 6.95
CA GLY B 269 -36.60 -13.14 5.90
C GLY B 269 -35.71 -13.60 4.76
N LEU B 270 -34.63 -14.32 5.08
CA LEU B 270 -33.77 -14.87 4.04
C LEU B 270 -34.55 -15.83 3.16
N SER B 271 -35.31 -16.74 3.77
CA SER B 271 -36.11 -17.66 2.99
C SER B 271 -37.14 -16.92 2.15
N PHE B 272 -37.80 -15.92 2.75
CA PHE B 272 -38.84 -15.18 2.05
C PHE B 272 -38.27 -14.45 0.83
N ASP B 273 -37.12 -13.80 1.01
CA ASP B 273 -36.49 -13.09 -0.11
C ASP B 273 -36.03 -14.07 -1.18
N ARG B 274 -35.49 -15.23 -0.78
CA ARG B 274 -35.06 -16.22 -1.76
C ARG B 274 -36.25 -16.70 -2.58
N TYR B 275 -37.38 -16.97 -1.92
CA TYR B 275 -38.58 -17.40 -2.65
C TYR B 275 -39.10 -16.29 -3.55
N LEU B 276 -39.09 -15.04 -3.07
CA LEU B 276 -39.61 -13.93 -3.84
C LEU B 276 -38.66 -13.47 -4.94
N ALA B 277 -37.43 -13.97 -4.97
CA ALA B 277 -36.48 -13.64 -6.02
C ALA B 277 -36.25 -14.76 -7.02
N ILE B 278 -36.34 -16.03 -6.60
CA ILE B 278 -36.00 -17.12 -7.51
C ILE B 278 -36.96 -17.17 -8.69
N VAL B 279 -38.27 -17.15 -8.41
CA VAL B 279 -39.27 -17.28 -9.47
C VAL B 279 -40.33 -16.19 -9.41
N ARG B 280 -40.58 -15.55 -8.27
CA ARG B 280 -41.59 -14.51 -8.23
C ARG B 280 -41.25 -13.29 -9.07
N PRO B 281 -40.02 -12.75 -9.08
CA PRO B 281 -39.82 -11.45 -9.75
C PRO B 281 -40.15 -11.49 -11.23
N VAL B 282 -39.90 -12.60 -11.91
CA VAL B 282 -40.31 -12.73 -13.30
C VAL B 282 -41.82 -12.89 -13.43
N ALA B 283 -42.48 -13.37 -12.37
CA ALA B 283 -43.93 -13.54 -12.39
C ALA B 283 -44.67 -12.35 -11.81
N ASN B 284 -44.16 -11.77 -10.73
CA ASN B 284 -44.79 -10.61 -10.10
C ASN B 284 -43.70 -9.80 -9.42
N ALA B 285 -43.36 -8.64 -9.99
CA ALA B 285 -42.29 -7.79 -9.46
C ALA B 285 -42.90 -6.76 -8.53
N ARG B 286 -43.29 -7.22 -7.35
CA ARG B 286 -43.83 -6.37 -6.29
C ARG B 286 -43.02 -6.67 -5.02
N LEU B 287 -41.91 -5.96 -4.85
CA LEU B 287 -41.02 -6.21 -3.73
C LEU B 287 -40.30 -4.92 -3.36
N ARG B 288 -39.80 -4.89 -2.13
CA ARG B 288 -38.98 -3.77 -1.68
C ARG B 288 -37.57 -3.89 -2.25
N LEU B 289 -36.98 -2.74 -2.57
CA LEU B 289 -35.65 -2.74 -3.16
C LEU B 289 -34.61 -3.26 -2.19
N ARG B 290 -33.54 -3.84 -2.73
CA ARG B 290 -32.46 -4.35 -1.89
C ARG B 290 -31.86 -3.25 -1.02
N VAL B 291 -31.89 -2.00 -1.51
CA VAL B 291 -31.45 -0.88 -0.69
C VAL B 291 -32.35 -0.74 0.53
N SER B 292 -33.66 -0.93 0.35
CA SER B 292 -34.59 -0.93 1.46
C SER B 292 -34.44 -2.16 2.34
N GLY B 293 -33.63 -3.15 1.92
CA GLY B 293 -33.39 -4.29 2.77
C GLY B 293 -32.74 -3.91 4.10
N ALA B 294 -31.89 -2.89 4.09
CA ALA B 294 -31.32 -2.40 5.34
C ALA B 294 -32.42 -1.87 6.26
N VAL B 295 -33.39 -1.14 5.69
CA VAL B 295 -34.50 -0.63 6.49
C VAL B 295 -35.33 -1.79 7.03
N ALA B 296 -35.56 -2.81 6.21
CA ALA B 296 -36.30 -3.98 6.68
C ALA B 296 -35.57 -4.66 7.83
N THR B 297 -34.24 -4.78 7.73
CA THR B 297 -33.46 -5.36 8.80
C THR B 297 -33.56 -4.52 10.07
N ALA B 298 -33.50 -3.20 9.93
CA ALA B 298 -33.63 -2.33 11.09
C ALA B 298 -35.00 -2.51 11.75
N VAL B 299 -36.06 -2.61 10.94
CA VAL B 299 -37.39 -2.82 11.48
C VAL B 299 -37.46 -4.17 12.20
N LEU B 300 -36.86 -5.20 11.61
CA LEU B 300 -36.84 -6.51 12.25
C LEU B 300 -36.17 -6.43 13.62
N TRP B 301 -35.02 -5.77 13.68
CA TRP B 301 -34.31 -5.66 14.96
C TRP B 301 -35.13 -4.86 15.96
N VAL B 302 -35.80 -3.80 15.51
CA VAL B 302 -36.63 -3.01 16.41
C VAL B 302 -37.76 -3.85 16.97
N LEU B 303 -38.40 -4.67 16.12
CA LEU B 303 -39.45 -5.56 16.59
C LEU B 303 -38.89 -6.54 17.62
N ALA B 304 -37.71 -7.09 17.36
CA ALA B 304 -37.10 -8.01 18.32
C ALA B 304 -36.84 -7.32 19.64
N ALA B 305 -36.34 -6.08 19.61
CA ALA B 305 -36.04 -5.36 20.84
C ALA B 305 -37.30 -5.06 21.63
N LEU B 306 -38.35 -4.61 20.96
CA LEU B 306 -39.58 -4.28 21.68
C LEU B 306 -40.28 -5.53 22.19
N LEU B 307 -40.11 -6.66 21.49
CA LEU B 307 -40.66 -7.92 22.00
C LEU B 307 -39.83 -8.46 23.16
N ALA B 308 -38.53 -8.14 23.19
CA ALA B 308 -37.67 -8.56 24.28
C ALA B 308 -37.73 -7.62 25.48
N MET B 309 -38.33 -6.44 25.32
CA MET B 309 -38.47 -5.51 26.45
C MET B 309 -39.07 -6.18 27.68
N PRO B 310 -40.17 -6.93 27.59
CA PRO B 310 -40.78 -7.46 28.83
C PRO B 310 -39.85 -8.35 29.63
N VAL B 311 -39.01 -9.16 29.00
CA VAL B 311 -38.15 -10.05 29.77
C VAL B 311 -37.15 -9.23 30.59
N MET B 312 -36.57 -8.20 29.97
CA MET B 312 -35.73 -7.29 30.73
C MET B 312 -36.49 -6.68 31.89
N VAL B 313 -37.66 -6.10 31.60
CA VAL B 313 -38.40 -5.39 32.63
C VAL B 313 -38.65 -6.31 33.82
N LEU B 314 -39.05 -7.54 33.55
CA LEU B 314 -39.34 -8.50 34.61
C LEU B 314 -38.10 -9.10 35.25
N ARG B 315 -36.91 -8.86 34.68
CA ARG B 315 -35.70 -9.52 35.14
C ARG B 315 -35.10 -8.74 36.30
N THR B 316 -35.18 -9.32 37.50
CA THR B 316 -34.55 -8.77 38.69
C THR B 316 -34.06 -9.93 39.53
N THR B 317 -32.90 -9.76 40.17
CA THR B 317 -32.23 -10.88 40.81
C THR B 317 -32.56 -10.94 42.30
N GLY B 318 -32.19 -12.07 42.90
CA GLY B 318 -32.44 -12.33 44.30
C GLY B 318 -32.15 -13.78 44.65
N ASP B 319 -31.75 -14.04 45.89
CA ASP B 319 -31.40 -15.40 46.28
C ASP B 319 -32.59 -16.33 46.17
N LEU B 320 -33.77 -15.85 46.56
CA LEU B 320 -35.01 -16.64 46.53
C LEU B 320 -35.00 -17.75 47.58
N GLU B 321 -33.87 -17.92 48.27
CA GLU B 321 -33.73 -18.90 49.33
C GLU B 321 -33.19 -18.20 50.57
N ASN B 322 -32.83 -19.00 51.58
CA ASN B 322 -32.12 -18.47 52.73
C ASN B 322 -30.62 -18.34 52.49
N THR B 323 -30.11 -18.91 51.41
CA THR B 323 -28.69 -18.85 51.09
C THR B 323 -28.42 -17.76 50.05
N THR B 324 -27.14 -17.39 49.96
CA THR B 324 -26.71 -16.34 49.03
C THR B 324 -26.52 -16.98 47.65
N LYS B 325 -27.64 -17.16 46.96
CA LYS B 325 -27.69 -17.78 45.64
C LYS B 325 -28.41 -16.85 44.67
N VAL B 326 -28.02 -15.57 44.67
CA VAL B 326 -28.75 -14.57 43.92
C VAL B 326 -28.83 -14.98 42.45
N GLN B 327 -30.04 -14.95 41.90
CA GLN B 327 -30.28 -15.32 40.51
C GLN B 327 -31.40 -14.45 39.97
N CYS B 328 -31.41 -14.26 38.65
CA CYS B 328 -32.36 -13.35 38.02
C CYS B 328 -33.54 -14.17 37.51
N TYR B 329 -34.50 -14.41 38.40
CA TYR B 329 -35.82 -14.88 37.99
C TYR B 329 -36.64 -13.70 37.51
N MET B 330 -37.37 -13.90 36.42
CA MET B 330 -38.24 -12.84 35.91
C MET B 330 -39.31 -12.54 36.96
N ASP B 331 -39.22 -11.37 37.59
CA ASP B 331 -40.17 -11.00 38.64
C ASP B 331 -41.42 -10.37 38.02
N TYR B 332 -42.57 -10.74 38.55
CA TYR B 332 -43.86 -10.22 38.11
C TYR B 332 -44.51 -9.31 39.14
N SER B 333 -43.74 -8.79 40.09
CA SER B 333 -44.30 -7.94 41.12
C SER B 333 -44.96 -6.69 40.55
N MET B 334 -44.56 -6.27 39.34
CA MET B 334 -45.20 -5.12 38.73
C MET B 334 -46.69 -5.33 38.51
N VAL B 335 -47.13 -6.60 38.41
CA VAL B 335 -48.55 -6.87 38.31
C VAL B 335 -49.27 -6.42 39.58
N ALA B 336 -48.63 -6.58 40.73
CA ALA B 336 -49.12 -6.16 42.03
C ALA B 336 -50.28 -7.01 42.54
N THR B 337 -50.58 -8.12 41.87
CA THR B 337 -51.63 -9.03 42.32
C THR B 337 -51.12 -10.45 42.15
N VAL B 338 -51.05 -11.19 43.25
CA VAL B 338 -50.55 -12.56 43.20
C VAL B 338 -51.44 -13.41 42.30
N SER B 339 -52.76 -13.26 42.43
CA SER B 339 -53.68 -14.11 41.69
C SER B 339 -53.49 -13.99 40.18
N SER B 340 -53.02 -12.84 39.69
CA SER B 340 -52.86 -12.62 38.27
C SER B 340 -51.44 -12.86 37.77
N GLU B 341 -50.52 -13.25 38.65
CA GLU B 341 -49.16 -13.55 38.20
C GLU B 341 -49.17 -14.65 37.16
N TRP B 342 -49.86 -15.75 37.45
CA TRP B 342 -49.91 -16.88 36.53
C TRP B 342 -50.50 -16.46 35.20
N ALA B 343 -51.61 -15.72 35.24
CA ALA B 343 -52.27 -15.31 34.00
C ALA B 343 -51.38 -14.40 33.17
N TRP B 344 -50.76 -13.41 33.81
CA TRP B 344 -49.91 -12.48 33.08
C TRP B 344 -48.73 -13.21 32.46
N GLU B 345 -48.09 -14.09 33.22
CA GLU B 345 -46.89 -14.75 32.70
C GLU B 345 -47.24 -15.73 31.59
N VAL B 346 -48.36 -16.46 31.72
CA VAL B 346 -48.75 -17.34 30.64
C VAL B 346 -49.09 -16.53 29.38
N GLY B 347 -49.80 -15.41 29.54
CA GLY B 347 -50.15 -14.62 28.37
C GLY B 347 -48.91 -14.11 27.65
N LEU B 348 -47.99 -13.51 28.41
CA LEU B 348 -46.77 -13.00 27.80
C LEU B 348 -45.97 -14.13 27.17
N GLY B 349 -45.85 -15.26 27.86
CA GLY B 349 -45.06 -16.36 27.36
C GLY B 349 -45.63 -16.98 26.10
N VAL B 350 -46.95 -17.19 26.06
CA VAL B 350 -47.56 -17.76 24.87
C VAL B 350 -47.41 -16.80 23.70
N SER B 351 -47.64 -15.50 23.94
CA SER B 351 -47.42 -14.53 22.88
C SER B 351 -45.99 -14.63 22.34
N SER B 352 -45.02 -14.64 23.26
CA SER B 352 -43.61 -14.63 22.86
C SER B 352 -43.24 -15.91 22.12
N THR B 353 -43.63 -17.07 22.64
CA THR B 353 -43.28 -18.33 21.99
C THR B 353 -43.96 -18.46 20.64
N THR B 354 -45.21 -18.02 20.53
CA THR B 354 -45.89 -18.02 19.24
C THR B 354 -45.11 -17.15 18.24
N VAL B 355 -44.84 -15.90 18.61
CA VAL B 355 -44.13 -15.01 17.70
C VAL B 355 -42.73 -15.52 17.39
N GLY B 356 -42.16 -16.32 18.29
CA GLY B 356 -40.79 -16.78 18.12
C GLY B 356 -40.66 -17.98 17.21
N PHE B 357 -41.60 -18.93 17.30
CA PHE B 357 -41.52 -20.13 16.48
C PHE B 357 -42.69 -20.28 15.52
N VAL B 358 -43.93 -20.15 16.00
CA VAL B 358 -45.08 -20.48 15.15
C VAL B 358 -45.12 -19.55 13.95
N VAL B 359 -45.04 -18.24 14.18
CA VAL B 359 -45.14 -17.27 13.09
C VAL B 359 -43.95 -17.44 12.16
N PRO B 360 -42.71 -17.34 12.64
CA PRO B 360 -41.58 -17.48 11.70
C PRO B 360 -41.51 -18.85 11.06
N PHE B 361 -41.65 -19.91 11.86
CA PHE B 361 -41.61 -21.27 11.30
C PHE B 361 -42.73 -21.45 10.29
N THR B 362 -43.94 -20.99 10.61
CA THR B 362 -45.06 -21.16 9.69
C THR B 362 -44.78 -20.44 8.37
N ILE B 363 -44.28 -19.21 8.45
CA ILE B 363 -44.07 -18.44 7.24
C ILE B 363 -42.99 -19.07 6.37
N MET B 364 -41.85 -19.46 6.98
CA MET B 364 -40.79 -20.02 6.15
C MET B 364 -41.12 -21.43 5.68
N LEU B 365 -41.96 -22.15 6.43
CA LEU B 365 -42.42 -23.45 5.96
C LEU B 365 -43.38 -23.29 4.79
N THR B 366 -44.22 -22.26 4.82
CA THR B 366 -45.06 -21.96 3.66
C THR B 366 -44.19 -21.61 2.46
N CYS B 367 -43.12 -20.84 2.68
CA CYS B 367 -42.19 -20.53 1.60
C CYS B 367 -41.56 -21.79 1.03
N TYR B 368 -41.10 -22.68 1.92
CA TYR B 368 -40.49 -23.93 1.46
C TYR B 368 -41.50 -24.77 0.70
N PHE B 369 -42.75 -24.81 1.16
CA PHE B 369 -43.77 -25.55 0.44
C PHE B 369 -44.00 -24.96 -0.95
N PHE B 370 -44.04 -23.63 -1.05
CA PHE B 370 -44.18 -22.99 -2.36
C PHE B 370 -43.05 -23.43 -3.28
N ILE B 371 -41.80 -23.29 -2.83
CA ILE B 371 -40.68 -23.58 -3.73
C ILE B 371 -40.65 -25.06 -4.06
N ALA B 372 -41.03 -25.93 -3.11
CA ALA B 372 -41.05 -27.36 -3.37
C ALA B 372 -42.07 -27.69 -4.46
N GLN B 373 -43.26 -27.08 -4.39
CA GLN B 373 -44.23 -27.28 -5.45
C GLN B 373 -43.68 -26.80 -6.79
N THR B 374 -42.97 -25.66 -6.78
CA THR B 374 -42.36 -25.18 -8.01
C THR B 374 -41.41 -26.22 -8.60
N ILE B 375 -40.48 -26.73 -7.80
CA ILE B 375 -39.49 -27.65 -8.36
C ILE B 375 -40.17 -28.94 -8.79
N ALA B 376 -41.17 -29.40 -8.03
CA ALA B 376 -41.89 -30.61 -8.41
C ALA B 376 -42.55 -30.45 -9.77
N GLY B 377 -43.17 -29.28 -10.01
CA GLY B 377 -43.80 -29.05 -11.30
C GLY B 377 -42.84 -28.72 -12.43
N HIS B 378 -41.63 -28.28 -12.10
CA HIS B 378 -40.70 -27.82 -13.12
C HIS B 378 -39.80 -28.92 -13.66
N PHE B 379 -39.22 -29.74 -12.78
CA PHE B 379 -38.22 -30.73 -13.17
C PHE B 379 -38.85 -32.06 -13.54
N ARG B 380 -40.10 -32.06 -14.02
CA ARG B 380 -40.71 -33.29 -14.48
C ARG B 380 -39.91 -33.89 -15.64
N LYS B 381 -39.46 -33.05 -16.57
CA LYS B 381 -38.60 -33.51 -17.64
C LYS B 381 -37.20 -33.81 -17.10
N GLU B 382 -36.59 -34.88 -17.61
CA GLU B 382 -35.28 -35.30 -17.17
C GLU B 382 -34.18 -34.54 -17.90
N ARG B 383 -33.10 -34.23 -17.19
CA ARG B 383 -31.96 -33.52 -17.74
C ARG B 383 -30.68 -34.23 -17.32
N ILE B 384 -29.57 -33.86 -17.96
CA ILE B 384 -28.31 -34.56 -17.73
C ILE B 384 -27.89 -34.45 -16.27
N GLU B 385 -28.02 -33.26 -15.67
CA GLU B 385 -27.68 -33.05 -14.28
C GLU B 385 -28.91 -33.03 -13.38
N GLY B 386 -30.07 -33.46 -13.90
CA GLY B 386 -31.27 -33.44 -13.09
C GLY B 386 -31.14 -34.25 -11.81
N LEU B 387 -30.47 -35.41 -11.90
CA LEU B 387 -30.31 -36.25 -10.72
C LEU B 387 -29.48 -35.54 -9.65
N ARG B 388 -28.29 -35.04 -10.01
CA ARG B 388 -27.43 -34.40 -9.04
C ARG B 388 -28.08 -33.14 -8.48
N LYS B 389 -28.70 -32.34 -9.34
CA LYS B 389 -29.36 -31.13 -8.88
C LYS B 389 -30.52 -31.46 -7.94
N ARG B 390 -31.28 -32.50 -8.25
CA ARG B 390 -32.39 -32.88 -7.38
C ARG B 390 -31.88 -33.39 -6.04
N ARG B 391 -30.81 -34.18 -6.04
CA ARG B 391 -30.29 -34.69 -4.77
C ARG B 391 -29.72 -33.56 -3.91
N ARG B 392 -28.99 -32.63 -4.53
CA ARG B 392 -28.46 -31.52 -3.74
C ARG B 392 -29.58 -30.61 -3.26
N LEU B 393 -30.64 -30.43 -4.06
CA LEU B 393 -31.79 -29.66 -3.59
C LEU B 393 -32.49 -30.36 -2.43
N LEU B 394 -32.63 -31.68 -2.49
CA LEU B 394 -33.20 -32.42 -1.37
C LEU B 394 -32.35 -32.24 -0.12
N SER B 395 -31.03 -32.35 -0.26
CA SER B 395 -30.15 -32.15 0.88
C SER B 395 -30.33 -30.75 1.45
N ILE B 396 -30.37 -29.74 0.57
CA ILE B 396 -30.50 -28.36 1.02
C ILE B 396 -31.80 -28.16 1.78
N ILE B 397 -32.91 -28.64 1.21
CA ILE B 397 -34.21 -28.41 1.86
C ILE B 397 -34.30 -29.17 3.18
N VAL B 398 -33.87 -30.44 3.18
CA VAL B 398 -33.99 -31.22 4.41
C VAL B 398 -33.13 -30.62 5.50
N VAL B 399 -31.89 -30.22 5.18
CA VAL B 399 -31.05 -29.64 6.20
C VAL B 399 -31.60 -28.28 6.64
N LEU B 400 -32.16 -27.50 5.72
CA LEU B 400 -32.71 -26.21 6.09
C LEU B 400 -33.85 -26.34 7.07
N VAL B 401 -34.78 -27.27 6.82
CA VAL B 401 -35.87 -27.45 7.76
C VAL B 401 -35.38 -28.07 9.07
N VAL B 402 -34.47 -29.04 8.99
CA VAL B 402 -34.06 -29.77 10.19
C VAL B 402 -33.25 -28.87 11.12
N THR B 403 -32.40 -28.01 10.56
CA THR B 403 -31.57 -27.16 11.40
C THR B 403 -32.40 -26.28 12.30
N PHE B 404 -33.58 -25.85 11.84
CA PHE B 404 -34.48 -25.08 12.68
C PHE B 404 -35.38 -25.98 13.51
N ALA B 405 -35.85 -27.09 12.97
CA ALA B 405 -36.71 -27.97 13.74
C ALA B 405 -35.98 -28.46 14.98
N LEU B 406 -34.93 -29.25 14.78
CA LEU B 406 -34.27 -29.91 15.90
C LEU B 406 -33.73 -28.92 16.93
N CYS B 407 -33.53 -27.66 16.53
CA CYS B 407 -32.98 -26.66 17.45
C CYS B 407 -34.08 -25.90 18.17
N TRP B 408 -34.93 -25.20 17.41
CA TRP B 408 -35.89 -24.29 18.01
C TRP B 408 -37.22 -24.96 18.35
N MET B 409 -37.67 -25.92 17.55
CA MET B 409 -38.95 -26.57 17.84
C MET B 409 -38.96 -27.17 19.24
N PRO B 410 -37.96 -27.94 19.67
CA PRO B 410 -38.05 -28.52 21.03
C PRO B 410 -38.14 -27.46 22.12
N TYR B 411 -37.43 -26.34 21.95
CA TYR B 411 -37.48 -25.29 22.96
C TYR B 411 -38.91 -24.80 23.14
N HIS B 412 -39.49 -24.23 22.08
CA HIS B 412 -40.83 -23.68 22.19
C HIS B 412 -41.84 -24.76 22.52
N LEU B 413 -41.60 -25.99 22.07
CA LEU B 413 -42.44 -27.11 22.44
C LEU B 413 -42.52 -27.23 23.96
N VAL B 414 -41.37 -27.44 24.60
CA VAL B 414 -41.35 -27.63 26.04
C VAL B 414 -41.86 -26.39 26.76
N LYS B 415 -41.60 -25.21 26.19
CA LYS B 415 -42.10 -23.98 26.80
C LYS B 415 -43.63 -23.99 26.82
N THR B 416 -44.24 -24.36 25.70
CA THR B 416 -45.69 -24.45 25.64
C THR B 416 -46.22 -25.50 26.60
N LEU B 417 -45.53 -26.63 26.71
CA LEU B 417 -45.98 -27.66 27.65
C LEU B 417 -45.93 -27.13 29.08
N TYR B 418 -44.87 -26.41 29.44
CA TYR B 418 -44.81 -25.83 30.77
C TYR B 418 -45.96 -24.85 30.99
N MET B 419 -46.24 -24.02 29.99
CA MET B 419 -47.30 -23.03 30.14
C MET B 419 -48.66 -23.70 30.29
N LEU B 420 -48.91 -24.76 29.53
CA LEU B 420 -50.23 -25.39 29.52
C LEU B 420 -50.37 -26.50 30.55
N GLY B 421 -49.30 -26.83 31.29
CA GLY B 421 -49.42 -27.91 32.26
C GLY B 421 -50.42 -27.62 33.36
N SER B 422 -50.36 -26.41 33.93
CA SER B 422 -51.18 -26.10 35.09
C SER B 422 -52.67 -26.22 34.75
N LEU B 423 -53.09 -25.67 33.61
CA LEU B 423 -54.46 -25.89 33.17
C LEU B 423 -54.71 -27.37 32.89
N LEU B 424 -53.73 -28.04 32.29
CA LEU B 424 -53.82 -29.46 32.02
C LEU B 424 -53.41 -30.31 33.21
N HIS B 425 -53.01 -29.68 34.32
CA HIS B 425 -52.54 -30.37 35.52
C HIS B 425 -51.69 -31.58 35.15
N TRP B 426 -50.67 -31.32 34.36
CA TRP B 426 -49.73 -32.37 33.99
C TRP B 426 -49.04 -32.87 35.26
N PRO B 427 -49.14 -34.16 35.60
CA PRO B 427 -48.43 -34.66 36.78
C PRO B 427 -46.98 -34.24 36.84
N CYS B 428 -46.40 -34.28 38.05
CA CYS B 428 -45.08 -33.70 38.26
C CYS B 428 -44.00 -34.40 37.46
N ASP B 429 -44.17 -35.69 37.17
CA ASP B 429 -43.09 -36.43 36.53
C ASP B 429 -42.75 -35.86 35.14
N PHE B 430 -43.65 -35.07 34.56
CA PHE B 430 -43.33 -34.35 33.33
C PHE B 430 -42.82 -32.94 33.58
N ASP B 431 -43.52 -32.16 34.42
CA ASP B 431 -43.14 -30.76 34.58
C ASP B 431 -41.71 -30.64 35.11
N LEU B 432 -41.33 -31.49 36.06
CA LEU B 432 -39.94 -31.54 36.48
C LEU B 432 -39.05 -31.99 35.32
N PHE B 433 -39.52 -32.98 34.55
CA PHE B 433 -38.79 -33.37 33.34
C PHE B 433 -38.72 -32.20 32.36
N LEU B 434 -39.84 -31.48 32.18
CA LEU B 434 -39.83 -30.30 31.34
C LEU B 434 -38.70 -29.36 31.75
N MET B 435 -38.53 -29.18 33.07
CA MET B 435 -37.39 -28.43 33.56
C MET B 435 -36.09 -29.14 33.19
N ASN B 436 -36.05 -30.47 33.34
CA ASN B 436 -34.81 -31.19 33.11
C ASN B 436 -34.34 -31.06 31.66
N ILE B 437 -35.26 -31.20 30.71
CA ILE B 437 -34.88 -31.11 29.31
C ILE B 437 -34.35 -29.71 28.99
N PHE B 438 -35.00 -28.68 29.53
CA PHE B 438 -34.78 -27.31 29.05
C PHE B 438 -33.32 -26.90 29.03
N PRO B 439 -32.52 -27.15 30.08
CA PRO B 439 -31.09 -26.81 29.98
C PRO B 439 -30.39 -27.51 28.83
N TYR B 440 -30.77 -28.75 28.52
CA TYR B 440 -30.17 -29.42 27.36
C TYR B 440 -30.63 -28.77 26.07
N CYS B 441 -31.94 -28.78 25.81
CA CYS B 441 -32.45 -28.24 24.56
C CYS B 441 -32.05 -26.78 24.39
N THR B 442 -31.79 -26.09 25.50
CA THR B 442 -31.25 -24.74 25.41
C THR B 442 -29.95 -24.73 24.63
N CYS B 443 -29.07 -25.70 24.88
CA CYS B 443 -27.86 -25.83 24.08
C CYS B 443 -28.17 -26.33 22.68
N ILE B 444 -29.17 -27.21 22.55
CA ILE B 444 -29.51 -27.75 21.24
C ILE B 444 -29.98 -26.63 20.31
N SER B 445 -30.70 -25.65 20.86
CA SER B 445 -31.06 -24.48 20.07
C SER B 445 -29.89 -23.52 19.90
N TYR B 446 -29.00 -23.47 20.88
CA TYR B 446 -27.81 -22.63 20.74
C TYR B 446 -26.95 -23.07 19.56
N VAL B 447 -26.71 -24.37 19.42
CA VAL B 447 -25.78 -24.85 18.40
C VAL B 447 -26.29 -24.55 17.00
N ASN B 448 -27.60 -24.33 16.84
CA ASN B 448 -28.12 -23.94 15.54
C ASN B 448 -27.52 -22.62 15.09
N SER B 449 -27.49 -21.64 15.99
CA SER B 449 -26.83 -20.37 15.68
C SER B 449 -25.36 -20.58 15.35
N CYS B 450 -24.73 -21.58 15.97
CA CYS B 450 -23.34 -21.88 15.69
C CYS B 450 -23.16 -22.49 14.30
N LEU B 451 -24.05 -23.41 13.91
CA LEU B 451 -23.90 -24.12 12.66
C LEU B 451 -24.49 -23.35 11.48
N ASN B 452 -25.24 -22.29 11.72
CA ASN B 452 -25.75 -21.47 10.62
C ASN B 452 -24.64 -20.96 9.71
N PRO B 453 -23.53 -20.42 10.21
CA PRO B 453 -22.46 -19.98 9.30
C PRO B 453 -21.90 -21.08 8.42
N PHE B 454 -21.74 -22.30 8.94
CA PHE B 454 -21.13 -23.36 8.15
C PHE B 454 -22.05 -23.77 7.00
N LEU B 455 -23.33 -23.98 7.29
CA LEU B 455 -24.26 -24.40 6.25
C LEU B 455 -24.40 -23.33 5.17
N TYR B 456 -24.48 -22.06 5.59
CA TYR B 456 -24.66 -20.97 4.63
C TYR B 456 -23.48 -20.91 3.66
N ALA B 457 -22.26 -21.05 4.17
CA ALA B 457 -21.08 -20.98 3.30
C ALA B 457 -21.09 -22.11 2.27
N PHE B 458 -21.43 -23.32 2.69
CA PHE B 458 -21.41 -24.46 1.78
C PHE B 458 -22.41 -24.26 0.64
N PHE B 459 -23.62 -23.82 0.96
CA PHE B 459 -24.70 -23.72 -0.01
C PHE B 459 -24.86 -22.33 -0.59
N ASP B 460 -23.97 -21.39 -0.26
CA ASP B 460 -24.07 -20.05 -0.85
C ASP B 460 -23.98 -20.10 -2.37
N PRO B 461 -22.99 -20.75 -2.98
CA PRO B 461 -23.03 -20.91 -4.44
C PRO B 461 -24.23 -21.69 -4.92
N ARG B 462 -24.67 -22.69 -4.14
CA ARG B 462 -25.83 -23.47 -4.53
C ARG B 462 -27.10 -22.62 -4.52
N PHE B 463 -27.24 -21.76 -3.51
CA PHE B 463 -28.43 -20.91 -3.44
C PHE B 463 -28.49 -19.96 -4.63
N ARG B 464 -27.36 -19.39 -5.02
CA ARG B 464 -27.32 -18.47 -6.15
C ARG B 464 -27.51 -19.22 -7.46
N TYR C 168 -9.67 12.27 55.76
CA TYR C 168 -9.41 11.22 54.74
C TYR C 168 -10.70 10.87 53.99
N THR C 169 -11.71 11.71 54.13
CA THR C 169 -13.00 11.50 53.50
C THR C 169 -13.10 12.32 52.22
N ASP C 170 -13.81 11.77 51.24
CA ASP C 170 -13.96 12.43 49.96
C ASP C 170 -14.83 13.68 50.07
N TRP C 171 -14.68 14.57 49.10
CA TRP C 171 -15.43 15.83 49.09
C TRP C 171 -16.92 15.54 49.08
N LYS C 172 -17.68 16.37 49.79
CA LYS C 172 -19.11 16.13 49.93
C LYS C 172 -19.80 16.05 48.57
N SER C 173 -19.59 17.07 47.73
CA SER C 173 -20.24 17.10 46.43
C SER C 173 -19.65 16.08 45.46
N SER C 174 -18.52 15.46 45.81
CA SER C 174 -17.90 14.49 44.89
C SER C 174 -18.81 13.30 44.67
N GLY C 175 -19.37 12.73 45.73
CA GLY C 175 -20.17 11.53 45.60
C GLY C 175 -21.34 11.66 44.65
N ALA C 176 -21.74 12.90 44.34
CA ALA C 176 -22.82 13.14 43.40
C ALA C 176 -22.37 13.81 42.11
N LEU C 177 -21.17 14.40 42.07
CA LEU C 177 -20.68 15.05 40.87
C LEU C 177 -19.71 14.20 40.07
N ILE C 178 -18.89 13.38 40.72
CA ILE C 178 -17.92 12.56 40.00
C ILE C 178 -18.62 11.57 39.07
N PRO C 179 -19.65 10.83 39.50
CA PRO C 179 -20.41 10.04 38.53
C PRO C 179 -20.97 10.88 37.38
N ALA C 180 -21.40 12.11 37.66
CA ALA C 180 -21.96 12.94 36.61
C ALA C 180 -20.92 13.23 35.53
N ILE C 181 -19.71 13.62 35.95
CA ILE C 181 -18.67 13.92 34.98
C ILE C 181 -18.23 12.65 34.28
N TYR C 182 -18.13 11.55 35.02
CA TYR C 182 -17.80 10.26 34.39
C TYR C 182 -18.78 9.94 33.27
N MET C 183 -20.08 10.03 33.56
CA MET C 183 -21.08 9.63 32.57
C MET C 183 -21.15 10.61 31.41
N LEU C 184 -20.95 11.92 31.66
CA LEU C 184 -20.85 12.85 30.55
C LEU C 184 -19.66 12.50 29.66
N VAL C 185 -18.53 12.12 30.28
CA VAL C 185 -17.38 11.68 29.50
C VAL C 185 -17.72 10.41 28.74
N PHE C 186 -18.48 9.51 29.35
CA PHE C 186 -18.89 8.29 28.65
C PHE C 186 -19.67 8.65 27.39
N LEU C 187 -20.68 9.50 27.52
CA LEU C 187 -21.49 9.87 26.37
C LEU C 187 -20.63 10.52 25.28
N LEU C 188 -19.87 11.56 25.64
CA LEU C 188 -19.09 12.27 24.63
C LEU C 188 -18.03 11.37 24.01
N GLY C 189 -17.30 10.62 24.84
CA GLY C 189 -16.23 9.80 24.33
C GLY C 189 -16.72 8.67 23.45
N THR C 190 -17.86 8.08 23.79
CA THR C 190 -18.43 7.07 22.89
C THR C 190 -18.87 7.72 21.58
N THR C 191 -19.63 8.83 21.66
CA THR C 191 -20.07 9.49 20.45
C THR C 191 -18.89 9.86 19.55
N GLY C 192 -17.73 10.13 20.13
CA GLY C 192 -16.56 10.48 19.35
C GLY C 192 -15.77 9.30 18.85
N ASN C 193 -15.44 8.37 19.76
CA ASN C 193 -14.59 7.25 19.43
C ASN C 193 -15.29 6.27 18.49
N GLY C 194 -16.56 5.96 18.75
CA GLY C 194 -17.29 5.12 17.83
C GLY C 194 -17.38 5.74 16.44
N LEU C 195 -17.62 7.04 16.39
CA LEU C 195 -17.70 7.73 15.11
C LEU C 195 -16.38 7.68 14.36
N VAL C 196 -15.26 7.94 15.06
CA VAL C 196 -13.97 7.92 14.38
C VAL C 196 -13.62 6.50 13.95
N LEU C 197 -13.96 5.51 14.77
CA LEU C 197 -13.67 4.12 14.38
C LEU C 197 -14.47 3.73 13.15
N TRP C 198 -15.76 4.08 13.12
CA TRP C 198 -16.56 3.77 11.94
C TRP C 198 -16.04 4.49 10.70
N THR C 199 -15.66 5.76 10.85
CA THR C 199 -15.13 6.51 9.72
C THR C 199 -13.82 5.90 9.22
N VAL C 200 -12.94 5.49 10.14
CA VAL C 200 -11.67 4.91 9.76
C VAL C 200 -11.89 3.60 9.01
N PHE C 201 -12.79 2.76 9.51
CA PHE C 201 -13.10 1.52 8.80
C PHE C 201 -13.67 1.81 7.42
N ARG C 202 -14.55 2.81 7.32
CA ARG C 202 -15.13 3.15 6.03
C ARG C 202 -14.06 3.60 5.04
N SER C 203 -13.14 4.45 5.50
CA SER C 203 -12.15 5.08 4.62
C SER C 203 -10.78 4.44 4.74
N SER C 204 -10.68 3.21 5.26
CA SER C 204 -9.38 2.57 5.38
C SER C 204 -8.73 2.39 4.01
N ARG C 205 -9.50 1.94 3.02
CA ARG C 205 -8.95 1.81 1.67
C ARG C 205 -8.62 3.17 1.07
N GLU C 206 -9.46 4.17 1.32
CA GLU C 206 -9.22 5.50 0.78
C GLU C 206 -7.98 6.13 1.38
N LYS C 207 -7.83 6.04 2.70
CA LYS C 207 -6.70 6.69 3.37
C LYS C 207 -5.40 5.94 3.08
N ARG C 208 -5.31 4.68 3.49
CA ARG C 208 -4.11 3.88 3.30
C ARG C 208 -2.88 4.60 3.84
N ARG C 209 -3.04 5.22 5.01
CA ARG C 209 -1.98 5.97 5.66
C ARG C 209 -1.46 5.18 6.87
N SER C 210 -0.14 5.14 7.02
CA SER C 210 0.45 4.48 8.18
C SER C 210 0.00 5.12 9.48
N ALA C 211 -0.46 6.38 9.43
CA ALA C 211 -1.07 7.01 10.58
C ALA C 211 -2.53 6.62 10.75
N ASP C 212 -3.15 6.05 9.70
CA ASP C 212 -4.54 5.60 9.83
C ASP C 212 -4.66 4.51 10.88
N ILE C 213 -3.73 3.56 10.88
CA ILE C 213 -3.78 2.49 11.86
C ILE C 213 -3.53 3.03 13.26
N PHE C 214 -2.66 4.04 13.39
CA PHE C 214 -2.42 4.64 14.71
C PHE C 214 -3.66 5.36 15.21
N ILE C 215 -4.34 6.09 14.32
CA ILE C 215 -5.59 6.73 14.69
C ILE C 215 -6.61 5.68 15.13
N ALA C 216 -6.67 4.55 14.41
CA ALA C 216 -7.60 3.50 14.76
C ALA C 216 -7.28 2.92 16.13
N SER C 217 -5.99 2.70 16.40
CA SER C 217 -5.60 2.16 17.70
C SER C 217 -5.99 3.12 18.82
N LEU C 218 -5.75 4.42 18.62
CA LEU C 218 -6.15 5.39 19.63
C LEU C 218 -7.66 5.42 19.80
N ALA C 219 -8.40 5.30 18.70
CA ALA C 219 -9.85 5.29 18.80
C ALA C 219 -10.34 4.10 19.60
N VAL C 220 -9.77 2.92 19.36
CA VAL C 220 -10.14 1.75 20.13
C VAL C 220 -9.78 1.93 21.59
N ALA C 221 -8.59 2.49 21.85
CA ALA C 221 -8.19 2.74 23.23
C ALA C 221 -9.19 3.66 23.91
N ASP C 222 -9.54 4.77 23.26
CA ASP C 222 -10.47 5.72 23.86
C ASP C 222 -11.84 5.11 24.08
N LEU C 223 -12.32 4.34 23.11
CA LEU C 223 -13.64 3.75 23.23
C LEU C 223 -13.69 2.72 24.36
N THR C 224 -12.71 1.83 24.42
CA THR C 224 -12.66 0.90 25.52
C THR C 224 -12.40 1.60 26.85
N PHE C 225 -11.81 2.79 26.81
CA PHE C 225 -11.57 3.56 28.03
C PHE C 225 -12.87 4.09 28.59
N VAL C 226 -13.70 4.67 27.71
CA VAL C 226 -14.97 5.22 28.15
C VAL C 226 -16.04 4.17 28.33
N VAL C 227 -15.85 2.96 27.77
CA VAL C 227 -16.87 1.93 27.85
C VAL C 227 -16.99 1.38 29.26
N THR C 228 -15.86 1.18 29.95
CA THR C 228 -15.93 0.62 31.28
C THR C 228 -16.18 1.66 32.35
N LEU C 229 -16.11 2.94 31.99
CA LEU C 229 -16.34 4.00 32.98
C LEU C 229 -17.75 3.98 33.56
N PRO C 230 -18.83 3.82 32.79
CA PRO C 230 -20.18 3.93 33.39
C PRO C 230 -20.40 3.01 34.56
N LEU C 231 -19.83 1.80 34.54
CA LEU C 231 -19.92 0.94 35.72
C LEU C 231 -19.27 1.63 36.92
N TRP C 232 -18.10 2.24 36.70
CA TRP C 232 -17.45 2.98 37.78
C TRP C 232 -18.30 4.15 38.23
N ALA C 233 -18.97 4.82 37.31
CA ALA C 233 -19.79 5.96 37.67
C ALA C 233 -20.91 5.53 38.60
N THR C 234 -21.61 4.46 38.22
CA THR C 234 -22.68 3.94 39.07
C THR C 234 -22.13 3.41 40.39
N TYR C 235 -20.88 2.95 40.42
CA TYR C 235 -20.29 2.49 41.67
C TYR C 235 -19.99 3.66 42.61
N THR C 236 -19.38 4.72 42.08
CA THR C 236 -19.16 5.91 42.88
C THR C 236 -20.47 6.52 43.33
N TYR C 237 -21.53 6.33 42.53
CA TYR C 237 -22.87 6.71 42.98
C TYR C 237 -23.22 6.00 44.28
N ARG C 238 -22.77 4.77 44.44
CA ARG C 238 -23.07 3.95 45.62
C ARG C 238 -21.95 4.06 46.65
N ASP C 239 -21.69 5.29 47.07
CA ASP C 239 -20.75 5.58 48.16
C ASP C 239 -19.54 4.65 48.10
N TYR C 240 -18.95 4.55 46.90
CA TYR C 240 -17.74 3.77 46.68
C TYR C 240 -17.98 2.29 47.03
N ASP C 241 -18.85 1.66 46.23
CA ASP C 241 -19.11 0.24 46.35
C ASP C 241 -19.32 -0.36 44.96
N TRP C 242 -18.68 -1.50 44.70
CA TRP C 242 -18.83 -2.17 43.41
C TRP C 242 -20.12 -2.99 43.40
N PRO C 243 -21.04 -2.73 42.46
CA PRO C 243 -22.24 -3.58 42.37
C PRO C 243 -22.00 -4.87 41.61
N PHE C 244 -21.16 -4.80 40.57
CA PHE C 244 -21.03 -5.90 39.61
C PHE C 244 -20.20 -7.02 40.22
N GLY C 245 -19.85 -8.01 39.41
CA GLY C 245 -19.06 -9.13 39.87
C GLY C 245 -17.57 -8.86 39.81
N THR C 246 -16.83 -9.55 40.68
CA THR C 246 -15.39 -9.31 40.79
C THR C 246 -14.69 -9.52 39.45
N PHE C 247 -15.16 -10.47 38.66
CA PHE C 247 -14.57 -10.66 37.33
C PHE C 247 -14.70 -9.38 36.51
N PHE C 248 -15.85 -8.70 36.60
CA PHE C 248 -16.01 -7.47 35.86
C PHE C 248 -15.25 -6.32 36.50
N CYS C 249 -15.06 -6.35 37.82
CA CYS C 249 -14.08 -5.45 38.44
C CYS C 249 -12.74 -5.57 37.76
N LYS C 250 -12.24 -6.81 37.62
CA LYS C 250 -10.93 -7.04 37.02
C LYS C 250 -10.90 -6.60 35.56
N LEU C 251 -11.91 -7.02 34.78
CA LEU C 251 -11.93 -6.66 33.37
C LEU C 251 -12.01 -5.16 33.17
N SER C 252 -12.86 -4.49 33.94
CA SER C 252 -12.99 -3.04 33.78
C SER C 252 -11.71 -2.32 34.17
N SER C 253 -11.08 -2.72 35.27
CA SER C 253 -9.83 -2.08 35.63
C SER C 253 -8.77 -2.28 34.56
N TYR C 254 -8.65 -3.50 34.04
CA TYR C 254 -7.67 -3.77 33.01
C TYR C 254 -7.94 -2.95 31.77
N LEU C 255 -9.21 -2.86 31.34
CA LEU C 255 -9.52 -2.06 30.16
C LEU C 255 -9.19 -0.60 30.41
N ILE C 256 -9.55 -0.09 31.59
CA ILE C 256 -9.27 1.31 31.90
C ILE C 256 -7.77 1.60 31.77
N PHE C 257 -6.95 0.76 32.41
CA PHE C 257 -5.52 1.03 32.44
C PHE C 257 -4.87 0.82 31.08
N VAL C 258 -5.22 -0.25 30.39
CA VAL C 258 -4.64 -0.50 29.07
C VAL C 258 -5.02 0.62 28.11
N ASN C 259 -6.27 1.07 28.17
CA ASN C 259 -6.68 2.15 27.29
C ASN C 259 -5.95 3.43 27.62
N MET C 260 -5.73 3.71 28.90
CA MET C 260 -4.91 4.86 29.29
C MET C 260 -3.52 4.79 28.63
N TYR C 261 -2.80 3.71 28.91
CA TYR C 261 -1.45 3.56 28.41
C TYR C 261 -1.42 3.62 26.89
N ALA C 262 -2.34 2.90 26.24
CA ALA C 262 -2.33 2.82 24.79
C ALA C 262 -2.81 4.09 24.14
N SER C 263 -3.61 4.90 24.81
CA SER C 263 -3.93 6.21 24.28
C SER C 263 -2.68 7.07 24.24
N VAL C 264 -1.93 7.10 25.34
CA VAL C 264 -0.68 7.86 25.34
C VAL C 264 0.29 7.29 24.29
N PHE C 265 0.35 5.96 24.18
CA PHE C 265 1.30 5.32 23.27
C PHE C 265 0.92 5.56 21.82
N CYS C 266 -0.37 5.56 21.50
CA CYS C 266 -0.79 5.86 20.13
C CYS C 266 -0.53 7.32 19.80
N LEU C 267 -0.72 8.21 20.77
CA LEU C 267 -0.38 9.62 20.52
C LEU C 267 1.11 9.75 20.23
N THR C 268 1.96 9.06 21.00
CA THR C 268 3.39 9.15 20.76
C THR C 268 3.80 8.40 19.49
N GLY C 269 3.07 7.35 19.10
CA GLY C 269 3.37 6.68 17.85
C GLY C 269 3.04 7.55 16.65
N LEU C 270 1.91 8.25 16.71
CA LEU C 270 1.63 9.27 15.70
C LEU C 270 2.69 10.36 15.75
N SER C 271 3.21 10.67 16.94
CA SER C 271 4.31 11.64 17.03
C SER C 271 5.53 11.15 16.28
N PHE C 272 5.88 9.88 16.45
CA PHE C 272 7.04 9.33 15.74
C PHE C 272 6.81 9.29 14.24
N ASP C 273 5.60 8.91 13.82
CA ASP C 273 5.29 8.90 12.40
C ASP C 273 5.39 10.30 11.80
N ARG C 274 4.90 11.30 12.53
CA ARG C 274 4.98 12.67 12.05
C ARG C 274 6.43 13.16 12.06
N TYR C 275 7.24 12.70 13.02
CA TYR C 275 8.67 12.98 12.98
C TYR C 275 9.28 12.43 11.70
N LEU C 276 8.92 11.19 11.35
CA LEU C 276 9.45 10.57 10.13
C LEU C 276 9.03 11.34 8.90
N ALA C 277 7.77 11.75 8.83
CA ALA C 277 7.22 12.38 7.64
C ALA C 277 7.30 13.90 7.67
N ILE C 278 7.99 14.48 8.65
CA ILE C 278 8.16 15.93 8.72
C ILE C 278 9.63 16.30 8.79
N VAL C 279 10.36 15.71 9.73
CA VAL C 279 11.76 16.04 9.93
C VAL C 279 12.71 15.11 9.18
N ARG C 280 12.26 13.90 8.83
CA ARG C 280 13.09 12.91 8.13
C ARG C 280 12.34 12.40 6.92
N PRO C 281 12.01 13.29 5.98
CA PRO C 281 11.13 12.86 4.87
C PRO C 281 11.71 11.76 4.00
N VAL C 282 13.03 11.74 3.80
CA VAL C 282 13.62 10.70 2.94
C VAL C 282 13.47 9.33 3.59
N ALA C 283 13.72 9.24 4.90
CA ALA C 283 13.54 7.97 5.59
C ALA C 283 12.09 7.53 5.53
N ASN C 284 11.16 8.48 5.66
CA ASN C 284 9.75 8.13 5.57
C ASN C 284 9.41 7.59 4.19
N ALA C 285 9.96 8.20 3.14
CA ALA C 285 9.68 7.74 1.78
C ALA C 285 10.22 6.34 1.54
N ARG C 286 11.47 6.10 1.93
CA ARG C 286 12.08 4.79 1.64
C ARG C 286 11.50 3.70 2.53
N LEU C 287 11.14 4.03 3.77
CA LEU C 287 10.60 3.02 4.68
C LEU C 287 9.22 2.57 4.20
N ARG C 288 8.97 1.27 4.32
CA ARG C 288 7.66 0.72 3.95
C ARG C 288 6.64 1.11 5.01
N LEU C 289 5.98 2.26 4.80
CA LEU C 289 5.14 2.82 5.86
C LEU C 289 3.96 1.92 6.18
N ARG C 290 3.48 1.14 5.21
CA ARG C 290 2.35 0.25 5.48
C ARG C 290 2.73 -0.83 6.49
N VAL C 291 3.71 -1.67 6.13
CA VAL C 291 4.14 -2.72 7.03
C VAL C 291 4.77 -2.12 8.28
N SER C 292 5.47 -1.00 8.14
CA SER C 292 6.05 -0.33 9.30
C SER C 292 4.97 0.03 10.31
N GLY C 293 3.89 0.67 9.84
CA GLY C 293 2.80 1.02 10.73
C GLY C 293 2.10 -0.20 11.31
N ALA C 294 1.95 -1.25 10.50
CA ALA C 294 1.33 -2.47 11.01
C ALA C 294 2.12 -3.06 12.17
N VAL C 295 3.43 -3.23 11.97
CA VAL C 295 4.28 -3.78 13.02
C VAL C 295 4.28 -2.85 14.23
N ALA C 296 4.34 -1.54 13.99
CA ALA C 296 4.36 -0.60 15.10
C ALA C 296 3.09 -0.70 15.94
N THR C 297 1.94 -0.76 15.28
CA THR C 297 0.68 -0.83 16.02
C THR C 297 0.56 -2.16 16.78
N ALA C 298 1.02 -3.26 16.17
CA ALA C 298 0.99 -4.54 16.86
C ALA C 298 1.86 -4.49 18.11
N VAL C 299 3.06 -3.94 17.99
CA VAL C 299 3.96 -3.84 19.14
C VAL C 299 3.36 -2.94 20.21
N LEU C 300 2.77 -1.82 19.78
CA LEU C 300 2.13 -0.91 20.73
C LEU C 300 1.06 -1.63 21.55
N TRP C 301 0.16 -2.33 20.87
CA TRP C 301 -0.93 -3.00 21.57
C TRP C 301 -0.41 -4.10 22.49
N VAL C 302 0.53 -4.91 22.01
CA VAL C 302 1.01 -6.01 22.84
C VAL C 302 1.74 -5.47 24.07
N LEU C 303 2.56 -4.43 23.89
CA LEU C 303 3.24 -3.84 25.03
C LEU C 303 2.25 -3.25 26.02
N ALA C 304 1.19 -2.61 25.53
CA ALA C 304 0.17 -2.07 26.42
C ALA C 304 -0.45 -3.18 27.27
N ALA C 305 -0.85 -4.27 26.61
CA ALA C 305 -1.46 -5.37 27.35
C ALA C 305 -0.50 -5.96 28.37
N LEU C 306 0.75 -6.17 27.97
CA LEU C 306 1.73 -6.77 28.88
C LEU C 306 1.97 -5.88 30.09
N LEU C 307 2.07 -4.57 29.86
CA LEU C 307 2.29 -3.63 30.95
C LEU C 307 1.10 -3.61 31.91
N ALA C 308 -0.12 -3.65 31.37
CA ALA C 308 -1.30 -3.59 32.22
C ALA C 308 -1.57 -4.89 32.96
N MET C 309 -1.01 -6.01 32.49
CA MET C 309 -1.28 -7.33 33.05
C MET C 309 -1.42 -7.36 34.57
N PRO C 310 -0.54 -6.72 35.34
CA PRO C 310 -0.67 -6.83 36.81
C PRO C 310 -2.03 -6.44 37.35
N VAL C 311 -2.65 -5.38 36.79
CA VAL C 311 -3.95 -4.95 37.26
C VAL C 311 -4.98 -6.06 37.16
N MET C 312 -4.75 -7.05 36.29
CA MET C 312 -5.69 -8.15 36.14
C MET C 312 -5.95 -8.80 37.49
N VAL C 313 -4.89 -9.04 38.25
CA VAL C 313 -5.01 -9.70 39.56
C VAL C 313 -4.92 -8.72 40.72
N LEU C 314 -4.40 -7.51 40.50
CA LEU C 314 -4.29 -6.56 41.61
C LEU C 314 -5.64 -5.97 41.98
N ARG C 315 -6.52 -5.77 40.99
CA ARG C 315 -7.86 -5.29 41.27
C ARG C 315 -8.76 -6.45 41.67
N THR C 316 -9.49 -6.28 42.78
CA THR C 316 -10.32 -7.35 43.32
C THR C 316 -11.39 -6.72 44.20
N THR C 317 -12.45 -7.46 44.44
CA THR C 317 -13.57 -6.99 45.24
C THR C 317 -13.50 -7.55 46.65
N GLY C 318 -13.82 -6.72 47.63
CA GLY C 318 -13.78 -7.09 49.03
C GLY C 318 -13.84 -5.84 49.91
N ASP C 319 -13.21 -5.96 51.09
CA ASP C 319 -13.11 -4.85 52.04
C ASP C 319 -14.49 -4.34 52.44
N LEU C 320 -15.25 -5.23 53.10
CA LEU C 320 -16.59 -4.87 53.53
C LEU C 320 -16.55 -3.86 54.68
N GLU C 321 -15.57 -3.99 55.58
CA GLU C 321 -15.44 -3.08 56.71
C GLU C 321 -16.73 -3.02 57.53
N ASN C 322 -17.38 -4.17 57.68
CA ASN C 322 -18.62 -4.28 58.43
C ASN C 322 -19.71 -3.36 57.88
N THR C 323 -19.64 -3.06 56.59
CA THR C 323 -20.62 -2.22 55.93
C THR C 323 -21.31 -2.92 54.76
N THR C 324 -21.01 -4.20 54.55
CA THR C 324 -21.56 -4.96 53.42
C THR C 324 -21.25 -4.30 52.09
N LYS C 325 -20.22 -3.45 52.05
CA LYS C 325 -19.84 -2.72 50.85
C LYS C 325 -18.72 -3.50 50.15
N VAL C 326 -19.05 -4.11 49.02
CA VAL C 326 -18.08 -4.93 48.28
C VAL C 326 -17.34 -3.97 47.36
N GLN C 327 -16.31 -3.34 47.90
CA GLN C 327 -15.53 -2.36 47.15
C GLN C 327 -14.57 -3.07 46.18
N CYS C 328 -14.49 -2.56 44.96
CA CYS C 328 -13.56 -3.06 43.96
C CYS C 328 -12.33 -2.16 43.98
N TYR C 329 -11.21 -2.69 44.48
CA TYR C 329 -10.04 -1.90 44.81
C TYR C 329 -8.78 -2.59 44.33
N MET C 330 -7.70 -1.80 44.24
CA MET C 330 -6.41 -2.28 43.78
C MET C 330 -5.77 -3.16 44.85
N ASP C 331 -6.22 -4.41 44.97
CA ASP C 331 -5.72 -5.29 46.01
C ASP C 331 -4.24 -5.59 45.77
N TYR C 332 -3.50 -5.69 46.88
CA TYR C 332 -2.07 -6.02 46.84
C TYR C 332 -1.67 -7.15 47.76
N SER C 333 -2.46 -7.48 48.79
CA SER C 333 -2.03 -8.46 49.77
C SER C 333 -1.70 -9.81 49.13
N MET C 334 -2.30 -10.10 47.96
CA MET C 334 -2.01 -11.36 47.29
C MET C 334 -0.54 -11.44 46.89
N VAL C 335 0.02 -10.33 46.41
CA VAL C 335 1.41 -10.32 45.93
C VAL C 335 2.36 -9.77 46.99
N ALA C 336 1.92 -8.77 47.76
CA ALA C 336 2.77 -8.06 48.69
C ALA C 336 2.59 -8.58 50.10
N THR C 337 3.69 -8.77 50.82
CA THR C 337 3.65 -9.16 52.21
C THR C 337 3.30 -7.95 53.08
N VAL C 338 2.93 -8.23 54.33
CA VAL C 338 2.48 -7.18 55.24
C VAL C 338 3.54 -6.09 55.36
N SER C 339 4.81 -6.48 55.51
CA SER C 339 5.89 -5.50 55.52
C SER C 339 6.19 -5.00 54.12
N SER C 340 5.90 -5.78 53.09
CA SER C 340 6.18 -5.42 51.71
C SER C 340 4.98 -4.83 51.00
N GLU C 341 3.87 -4.59 51.71
CA GLU C 341 2.74 -3.91 51.07
C GLU C 341 3.19 -2.61 50.43
N TRP C 342 3.86 -1.76 51.21
CA TRP C 342 4.32 -0.49 50.67
C TRP C 342 5.36 -0.69 49.58
N ALA C 343 6.27 -1.65 49.76
CA ALA C 343 7.34 -1.85 48.80
C ALA C 343 6.80 -2.25 47.43
N TRP C 344 5.97 -3.29 47.40
CA TRP C 344 5.42 -3.74 46.12
C TRP C 344 4.45 -2.71 45.56
N GLU C 345 3.69 -2.05 46.44
CA GLU C 345 2.76 -1.03 45.97
C GLU C 345 3.53 0.09 45.27
N VAL C 346 4.59 0.60 45.90
CA VAL C 346 5.35 1.68 45.28
C VAL C 346 6.04 1.18 44.02
N GLY C 347 6.50 -0.07 44.02
CA GLY C 347 7.13 -0.59 42.81
C GLY C 347 6.18 -0.59 41.63
N LEU C 348 4.97 -1.11 41.83
CA LEU C 348 4.01 -1.18 40.72
C LEU C 348 3.51 0.21 40.34
N GLY C 349 3.27 1.07 41.33
CA GLY C 349 2.89 2.44 41.01
C GLY C 349 3.96 3.17 40.24
N VAL C 350 5.22 2.97 40.61
CA VAL C 350 6.35 3.58 39.91
C VAL C 350 6.40 3.07 38.48
N SER C 351 6.24 1.76 38.29
CA SER C 351 6.22 1.23 36.93
C SER C 351 5.09 1.86 36.13
N SER C 352 3.90 1.95 36.73
CA SER C 352 2.77 2.56 36.04
C SER C 352 3.11 3.96 35.59
N THR C 353 3.60 4.80 36.51
CA THR C 353 3.87 6.19 36.18
C THR C 353 4.96 6.31 35.11
N THR C 354 6.08 5.61 35.29
CA THR C 354 7.19 5.78 34.37
C THR C 354 6.82 5.30 32.98
N VAL C 355 6.35 4.05 32.86
CA VAL C 355 5.99 3.55 31.54
C VAL C 355 4.74 4.22 31.00
N GLY C 356 4.00 4.94 31.83
CA GLY C 356 2.88 5.71 31.33
C GLY C 356 3.32 6.95 30.60
N PHE C 357 4.21 7.74 31.22
CA PHE C 357 4.50 9.02 30.60
C PHE C 357 5.98 9.41 30.61
N VAL C 358 6.77 8.91 31.56
CA VAL C 358 8.16 9.36 31.67
C VAL C 358 8.90 9.13 30.35
N VAL C 359 8.77 7.92 29.81
CA VAL C 359 9.37 7.62 28.51
C VAL C 359 8.45 8.19 27.41
N PRO C 360 7.15 7.88 27.41
CA PRO C 360 6.28 8.49 26.39
C PRO C 360 6.34 10.00 26.36
N PHE C 361 6.36 10.67 27.51
CA PHE C 361 6.31 12.13 27.52
C PHE C 361 7.61 12.74 27.03
N THR C 362 8.76 12.15 27.41
CA THR C 362 10.03 12.69 26.94
C THR C 362 10.21 12.40 25.45
N ILE C 363 9.76 11.24 24.98
CA ILE C 363 9.79 10.94 23.56
C ILE C 363 8.95 11.95 22.80
N MET C 364 7.75 12.23 23.30
CA MET C 364 6.89 13.23 22.70
C MET C 364 7.58 14.60 22.74
N LEU C 365 8.24 14.92 23.84
CA LEU C 365 8.87 16.22 23.96
C LEU C 365 9.92 16.43 22.88
N THR C 366 10.85 15.47 22.75
CA THR C 366 11.87 15.60 21.71
C THR C 366 11.25 15.59 20.33
N CYS C 367 10.28 14.71 20.09
CA CYS C 367 9.68 14.61 18.76
C CYS C 367 9.08 15.94 18.34
N TYR C 368 8.21 16.51 19.18
CA TYR C 368 7.57 17.75 18.79
C TYR C 368 8.52 18.93 18.84
N PHE C 369 9.59 18.88 19.64
CA PHE C 369 10.58 19.95 19.56
C PHE C 369 11.21 19.99 18.18
N PHE C 370 11.69 18.83 17.71
CA PHE C 370 12.28 18.78 16.37
C PHE C 370 11.25 19.15 15.31
N ILE C 371 10.01 18.66 15.46
CA ILE C 371 8.98 18.93 14.46
C ILE C 371 8.69 20.41 14.38
N ALA C 372 8.54 21.08 15.54
CA ALA C 372 8.26 22.50 15.56
C ALA C 372 9.42 23.29 14.93
N GLN C 373 10.65 22.96 15.31
CA GLN C 373 11.79 23.65 14.72
C GLN C 373 11.79 23.47 13.21
N THR C 374 11.50 22.26 12.74
CA THR C 374 11.53 21.99 11.31
C THR C 374 10.44 22.76 10.56
N ILE C 375 9.22 22.80 11.10
CA ILE C 375 8.15 23.53 10.44
C ILE C 375 8.49 25.02 10.40
N ALA C 376 9.01 25.55 11.49
CA ALA C 376 9.38 26.96 11.52
C ALA C 376 10.44 27.26 10.46
N GLY C 377 11.49 26.44 10.41
CA GLY C 377 12.53 26.65 9.43
C GLY C 377 12.03 26.54 8.01
N HIS C 378 11.15 25.55 7.76
CA HIS C 378 10.64 25.35 6.40
C HIS C 378 9.81 26.56 5.96
N PHE C 379 8.95 27.07 6.83
CA PHE C 379 8.08 28.18 6.47
C PHE C 379 8.72 29.53 6.74
N ARG C 380 9.99 29.58 7.14
CA ARG C 380 10.68 30.84 7.36
C ARG C 380 10.98 31.60 6.07
N LYS C 381 10.48 31.19 4.90
CA LYS C 381 10.79 31.85 3.64
C LYS C 381 9.58 31.71 2.72
N GLU C 382 9.80 31.93 1.43
CA GLU C 382 8.77 31.79 0.40
C GLU C 382 7.87 33.01 0.32
N ARG C 383 6.98 33.19 1.31
CA ARG C 383 6.02 34.28 1.26
C ARG C 383 5.55 34.61 2.66
N ILE C 384 4.93 35.79 2.80
CA ILE C 384 4.43 36.22 4.10
C ILE C 384 3.33 35.29 4.58
N GLU C 385 2.40 34.94 3.68
CA GLU C 385 1.36 33.99 4.05
C GLU C 385 1.95 32.67 4.51
N GLY C 386 3.13 32.32 3.98
CA GLY C 386 3.84 31.16 4.50
C GLY C 386 4.11 31.28 5.99
N LEU C 387 4.47 32.48 6.45
CA LEU C 387 4.64 32.69 7.88
C LEU C 387 3.33 32.56 8.64
N ARG C 388 2.21 32.99 8.05
CA ARG C 388 0.92 32.81 8.70
C ARG C 388 0.61 31.34 8.87
N LYS C 389 0.81 30.54 7.82
CA LYS C 389 0.57 29.11 7.94
C LYS C 389 1.56 28.44 8.89
N ARG C 390 2.80 28.95 8.94
CA ARG C 390 3.75 28.43 9.92
C ARG C 390 3.29 28.70 11.34
N ARG C 391 2.78 29.91 11.58
CA ARG C 391 2.21 30.21 12.89
C ARG C 391 1.04 29.29 13.18
N ARG C 392 0.20 29.03 12.19
CA ARG C 392 -0.92 28.10 12.37
C ARG C 392 -0.43 26.72 12.76
N LEU C 393 0.61 26.23 12.10
CA LEU C 393 1.08 24.87 12.39
C LEU C 393 1.79 24.80 13.73
N LEU C 394 2.58 25.82 14.08
CA LEU C 394 3.12 25.90 15.42
C LEU C 394 1.99 25.95 16.45
N SER C 395 0.89 26.62 16.13
CA SER C 395 -0.23 26.71 17.06
C SER C 395 -0.88 25.35 17.26
N ILE C 396 -1.07 24.58 16.18
CA ILE C 396 -1.67 23.26 16.34
C ILE C 396 -0.73 22.35 17.13
N ILE C 397 0.57 22.43 16.87
CA ILE C 397 1.53 21.64 17.65
C ILE C 397 1.45 22.02 19.12
N VAL C 398 1.44 23.32 19.40
CA VAL C 398 1.43 23.80 20.78
C VAL C 398 0.16 23.36 21.48
N VAL C 399 -0.98 23.50 20.81
CA VAL C 399 -2.24 23.13 21.45
C VAL C 399 -2.30 21.62 21.65
N LEU C 400 -1.74 20.83 20.74
CA LEU C 400 -1.73 19.39 20.93
C LEU C 400 -0.92 19.01 22.17
N VAL C 401 0.32 19.50 22.25
CA VAL C 401 1.15 19.15 23.39
C VAL C 401 0.56 19.73 24.68
N VAL C 402 -0.04 20.91 24.61
CA VAL C 402 -0.59 21.56 25.80
C VAL C 402 -1.83 20.81 26.28
N THR C 403 -2.66 20.35 25.36
CA THR C 403 -3.80 19.53 25.74
C THR C 403 -3.34 18.24 26.39
N PHE C 404 -2.32 17.59 25.80
CA PHE C 404 -1.77 16.41 26.44
C PHE C 404 -1.31 16.73 27.86
N ALA C 405 -0.58 17.83 28.02
CA ALA C 405 -0.08 18.19 29.34
C ALA C 405 -1.22 18.40 30.32
N LEU C 406 -2.17 19.26 29.97
CA LEU C 406 -3.24 19.59 30.89
C LEU C 406 -4.04 18.35 31.28
N CYS C 407 -4.32 17.48 30.32
CA CYS C 407 -5.16 16.33 30.62
C CYS C 407 -4.40 15.27 31.42
N TRP C 408 -3.15 15.01 31.05
CA TRP C 408 -2.42 13.88 31.61
C TRP C 408 -1.66 14.23 32.88
N MET C 409 -0.94 15.35 32.90
CA MET C 409 -0.05 15.65 34.02
C MET C 409 -0.73 15.57 35.37
N PRO C 410 -1.93 16.13 35.59
CA PRO C 410 -2.48 16.11 36.95
C PRO C 410 -2.59 14.72 37.54
N TYR C 411 -3.00 13.73 36.74
CA TYR C 411 -3.11 12.39 37.26
C TYR C 411 -1.76 11.88 37.73
N HIS C 412 -0.71 12.22 36.99
CA HIS C 412 0.63 11.80 37.33
C HIS C 412 1.10 12.49 38.61
N LEU C 413 0.87 13.79 38.69
CA LEU C 413 1.31 14.56 39.85
C LEU C 413 0.64 14.07 41.12
N VAL C 414 -0.66 13.77 41.05
CA VAL C 414 -1.32 13.25 42.24
C VAL C 414 -0.90 11.80 42.52
N LYS C 415 -0.55 11.03 41.49
CA LYS C 415 0.07 9.73 41.76
C LYS C 415 1.32 9.91 42.62
N THR C 416 2.23 10.76 42.17
CA THR C 416 3.48 10.96 42.89
C THR C 416 3.23 11.56 44.27
N LEU C 417 2.26 12.46 44.38
CA LEU C 417 2.00 13.11 45.66
C LEU C 417 1.36 12.13 46.65
N TYR C 418 0.43 11.30 46.18
CA TYR C 418 -0.14 10.28 47.05
C TYR C 418 0.92 9.29 47.50
N MET C 419 1.89 8.98 46.63
CA MET C 419 2.98 8.13 47.05
C MET C 419 3.86 8.82 48.09
N LEU C 420 4.25 10.07 47.81
CA LEU C 420 5.07 10.82 48.75
C LEU C 420 4.34 11.09 50.06
N GLY C 421 3.01 10.93 50.09
CA GLY C 421 2.28 11.08 51.33
C GLY C 421 2.70 10.09 52.39
N SER C 422 3.39 9.03 51.99
CA SER C 422 3.92 8.07 52.95
C SER C 422 5.33 8.41 53.39
N LEU C 423 6.16 8.91 52.47
CA LEU C 423 7.56 9.23 52.80
C LEU C 423 7.67 10.60 53.46
N LEU C 424 7.30 11.66 52.72
CA LEU C 424 7.37 13.01 53.26
C LEU C 424 6.24 13.27 54.26
N HIS C 425 5.18 12.47 54.23
CA HIS C 425 4.06 12.61 55.16
C HIS C 425 3.41 13.98 55.04
N TRP C 426 2.82 14.20 53.86
CA TRP C 426 2.15 15.46 53.59
C TRP C 426 1.01 15.67 54.59
N PRO C 427 0.65 16.91 54.87
CA PRO C 427 -0.41 17.17 55.85
C PRO C 427 -1.72 16.49 55.45
N CYS C 428 -2.44 15.97 56.44
CA CYS C 428 -3.72 15.34 56.18
C CYS C 428 -4.66 16.30 55.45
N ASP C 429 -4.60 17.59 55.80
CA ASP C 429 -5.37 18.57 55.06
C ASP C 429 -4.98 18.58 53.59
N PHE C 430 -3.69 18.64 53.30
CA PHE C 430 -3.23 18.58 51.92
C PHE C 430 -3.49 17.19 51.33
N ASP C 431 -3.30 16.14 52.13
CA ASP C 431 -3.65 14.80 51.68
C ASP C 431 -5.14 14.68 51.41
N LEU C 432 -5.96 15.28 52.27
CA LEU C 432 -7.40 15.29 52.03
C LEU C 432 -7.72 15.98 50.72
N PHE C 433 -7.08 17.12 50.45
CA PHE C 433 -7.30 17.80 49.19
C PHE C 433 -6.87 16.92 48.02
N LEU C 434 -5.76 16.19 48.18
CA LEU C 434 -5.30 15.30 47.12
C LEU C 434 -6.35 14.24 46.83
N MET C 435 -6.87 13.59 47.87
CA MET C 435 -7.92 12.60 47.67
C MET C 435 -9.13 13.22 46.99
N ASN C 436 -9.58 14.37 47.49
CA ASN C 436 -10.78 14.99 46.95
C ASN C 436 -10.61 15.31 45.47
N ILE C 437 -9.43 15.80 45.08
CA ILE C 437 -9.19 16.18 43.69
C ILE C 437 -8.84 14.99 42.82
N PHE C 438 -8.52 13.84 43.41
CA PHE C 438 -8.13 12.69 42.58
C PHE C 438 -9.22 12.26 41.61
N PRO C 439 -10.48 12.11 42.01
CA PRO C 439 -11.51 11.80 41.00
C PRO C 439 -11.61 12.85 39.91
N TYR C 440 -11.46 14.12 40.29
CA TYR C 440 -11.35 15.16 39.27
C TYR C 440 -10.14 14.92 38.38
N CYS C 441 -9.06 14.40 38.93
CA CYS C 441 -7.88 14.16 38.12
C CYS C 441 -8.11 13.00 37.16
N THR C 442 -8.85 11.99 37.60
CA THR C 442 -9.24 10.92 36.68
C THR C 442 -10.11 11.47 35.55
N CYS C 443 -11.06 12.34 35.87
CA CYS C 443 -11.86 12.94 34.81
C CYS C 443 -10.99 13.75 33.86
N ILE C 444 -10.03 14.50 34.39
CA ILE C 444 -9.18 15.34 33.56
C ILE C 444 -8.30 14.48 32.67
N SER C 445 -7.83 13.34 33.18
CA SER C 445 -7.09 12.40 32.33
C SER C 445 -8.01 11.84 31.25
N TYR C 446 -9.23 11.50 31.62
CA TYR C 446 -10.22 11.06 30.63
C TYR C 446 -10.44 12.12 29.57
N VAL C 447 -10.23 13.39 29.91
CA VAL C 447 -10.39 14.45 28.92
C VAL C 447 -9.51 14.18 27.72
N ASN C 448 -8.42 13.44 27.90
CA ASN C 448 -7.57 13.09 26.76
C ASN C 448 -8.35 12.30 25.73
N SER C 449 -8.99 11.20 26.16
CA SER C 449 -9.80 10.41 25.23
C SER C 449 -11.02 11.17 24.77
N CYS C 450 -11.57 12.03 25.62
CA CYS C 450 -12.72 12.83 25.22
C CYS C 450 -12.39 13.73 24.04
N LEU C 451 -11.23 14.37 24.09
CA LEU C 451 -10.83 15.32 23.04
C LEU C 451 -10.09 14.67 21.89
N ASN C 452 -9.55 13.47 22.07
CA ASN C 452 -8.73 12.84 21.04
C ASN C 452 -9.41 12.79 19.68
N PRO C 453 -10.68 12.38 19.57
CA PRO C 453 -11.39 12.56 18.31
C PRO C 453 -11.19 13.96 17.77
N PHE C 454 -11.55 14.96 18.57
CA PHE C 454 -11.44 16.34 18.11
C PHE C 454 -9.99 16.72 17.84
N LEU C 455 -9.06 16.25 18.66
CA LEU C 455 -7.68 16.68 18.52
C LEU C 455 -7.03 16.14 17.25
N TYR C 456 -7.36 14.90 16.88
CA TYR C 456 -6.67 14.21 15.79
C TYR C 456 -7.54 14.04 14.55
N ALA C 457 -8.70 13.39 14.68
CA ALA C 457 -9.50 13.09 13.51
C ALA C 457 -10.03 14.37 12.86
N PHE C 458 -10.36 15.37 13.67
CA PHE C 458 -10.77 16.66 13.12
C PHE C 458 -9.66 17.27 12.28
N PHE C 459 -8.42 17.20 12.77
CA PHE C 459 -7.29 17.71 12.00
C PHE C 459 -7.12 16.93 10.70
N ASP C 460 -7.28 15.62 10.74
CA ASP C 460 -7.10 14.77 9.57
C ASP C 460 -8.15 15.12 8.50
N PRO C 461 -7.75 15.66 7.36
CA PRO C 461 -8.74 15.97 6.31
C PRO C 461 -9.49 14.74 5.83
N ARG C 462 -8.85 13.56 5.85
CA ARG C 462 -9.52 12.36 5.36
C ARG C 462 -10.75 12.03 6.19
N PHE C 463 -10.65 12.17 7.51
CA PHE C 463 -11.81 11.90 8.36
C PHE C 463 -12.95 12.85 8.07
N ARG C 464 -12.64 14.14 7.89
CA ARG C 464 -13.69 15.12 7.59
C ARG C 464 -14.36 14.80 6.26
N GLN C 465 -13.55 14.47 5.25
CA GLN C 465 -14.11 14.12 3.95
C GLN C 465 -15.00 12.88 4.04
N ALA C 466 -14.54 11.86 4.77
CA ALA C 466 -15.31 10.63 4.88
C ALA C 466 -16.62 10.87 5.61
N CYS C 467 -16.60 11.64 6.70
CA CYS C 467 -17.82 11.88 7.47
C CYS C 467 -18.85 12.69 6.69
N THR C 468 -18.42 13.43 5.68
CA THR C 468 -19.34 14.24 4.87
C THR C 468 -19.67 13.54 3.57
N ASP C 490 -6.88 23.08 -15.97
CA ASP C 490 -5.68 23.54 -16.65
C ASP C 490 -4.80 22.35 -17.04
N GLU C 491 -4.15 22.46 -18.20
CA GLU C 491 -3.22 21.44 -18.67
C GLU C 491 -1.94 22.12 -19.14
N SEP C 492 -0.83 21.38 -19.09
CA SEP C 492 0.50 21.95 -19.45
CB SEP C 492 1.56 21.45 -18.48
OG SEP C 492 1.77 20.06 -18.64
C SEP C 492 0.90 21.59 -20.88
O SEP C 492 2.07 21.69 -21.24
P SEP C 492 1.47 19.28 -17.26
O1P SEP C 492 -0.04 19.58 -16.80
O2P SEP C 492 1.67 17.70 -17.48
O3P SEP C 492 2.48 19.79 -16.12
N CYS C 493 -0.08 21.18 -21.69
CA CYS C 493 0.20 20.75 -23.05
C CYS C 493 1.19 19.60 -23.05
N TPO C 494 1.67 19.24 -24.24
CA TPO C 494 2.62 18.10 -24.35
CB TPO C 494 1.88 16.85 -24.76
CG2 TPO C 494 1.90 15.86 -23.60
OG1 TPO C 494 0.53 17.19 -25.08
P TPO C 494 0.26 16.73 -26.60
O1P TPO C 494 0.47 15.27 -26.72
O2P TPO C 494 1.27 17.51 -27.58
O3P TPO C 494 -1.25 17.10 -27.00
C TPO C 494 3.72 18.42 -25.36
O TPO C 494 3.45 18.87 -26.47
N TPO C 495 4.96 18.18 -24.94
CA TPO C 495 6.16 18.42 -25.78
CB TPO C 495 7.34 17.63 -25.26
CG2 TPO C 495 8.57 17.93 -26.13
OG1 TPO C 495 7.64 18.00 -23.91
P TPO C 495 7.06 16.93 -22.85
O1P TPO C 495 6.13 15.98 -23.49
O2P TPO C 495 6.27 17.73 -21.69
O3P TPO C 495 8.29 16.13 -22.19
C TPO C 495 5.89 18.07 -27.23
O TPO C 495 5.40 16.98 -27.52
N ALA C 496 6.21 18.99 -28.13
CA ALA C 496 6.01 18.76 -29.55
C ALA C 496 7.35 18.45 -30.21
N SEP C 497 7.65 19.14 -31.31
CA SEP C 497 8.94 18.97 -32.03
CB SEP C 497 9.34 17.50 -32.15
OG SEP C 497 8.19 16.69 -32.37
C SEP C 497 8.83 19.59 -33.41
O SEP C 497 7.83 19.43 -34.09
P SEP C 497 8.64 15.23 -32.88
O1P SEP C 497 8.71 15.21 -34.48
O2P SEP C 497 7.57 14.13 -32.37
O3P SEP C 497 10.09 14.87 -32.28
N SEP C 498 9.87 20.32 -33.82
CA SEP C 498 9.89 20.91 -35.18
CB SEP C 498 9.33 22.32 -35.18
OG SEP C 498 9.49 22.91 -36.46
C SEP C 498 11.30 20.91 -35.73
O SEP C 498 12.28 20.86 -34.98
P SEP C 498 8.14 23.68 -36.89
O1P SEP C 498 7.06 22.60 -37.41
O2P SEP C 498 8.47 24.72 -38.08
O3P SEP C 498 7.55 24.47 -35.62
N SEP C 499 11.41 20.96 -37.05
CA SEP C 499 12.72 20.86 -37.75
CB SEP C 499 12.57 20.02 -39.02
OG SEP C 499 11.25 19.54 -39.16
C SEP C 499 13.26 22.23 -38.08
O SEP C 499 12.52 23.20 -38.17
P SEP C 499 10.71 19.77 -40.66
O1P SEP C 499 10.82 21.34 -41.04
O2P SEP C 499 11.60 18.90 -41.68
O3P SEP C 499 9.18 19.31 -40.75
N LEU C 500 14.58 22.31 -38.26
CA LEU C 500 15.22 23.54 -38.71
C LEU C 500 15.82 23.35 -40.10
N ALA C 501 16.39 24.42 -40.65
CA ALA C 501 17.03 24.38 -41.95
C ALA C 501 18.52 24.67 -41.80
N LYS C 502 19.34 23.90 -42.50
CA LYS C 502 20.78 24.07 -42.44
C LYS C 502 21.26 25.06 -43.49
C10 A1L6R D . -33.39 -19.24 30.39
C12 A1L6R D . -35.91 -19.23 30.20
C17 A1L6R D . -37.59 -17.97 33.49
C18 A1L6R D . -37.75 -16.63 34.19
C19 A1L6R D . -38.78 -18.38 32.62
C21 A1L6R D . -38.90 -19.89 32.49
C23 A1L6R D . -37.90 -21.93 32.44
C24 A1L6R D . -39.11 -22.55 32.24
C25 A1L6R D . -39.23 -24.05 32.10
C26 A1L6R D . -40.21 -21.72 32.17
C30 A1L6R D . -34.79 -19.17 28.31
C31 A1L6R D . -33.72 -19.14 27.30
C32 A1L6R D . -34.03 -18.86 25.99
C01 A1L6R D . -33.64 -16.44 29.33
C03 A1L6R D . -32.83 -18.04 30.89
C04 A1L6R D . -31.63 -18.10 31.57
C05 A1L6R D . -30.98 -19.30 31.76
C06 A1L6R D . -31.51 -20.48 31.29
C07 A1L6R D . -32.72 -20.45 30.59
C09 A1L6R D . -32.80 -22.83 30.49
C33 A1L6R D . -33.01 -18.83 25.06
C34 A1L6R D . -31.72 -19.09 25.47
C35 A1L6R D . -31.48 -19.37 26.82
C36 A1L6R D . -30.10 -19.65 27.33
N11 A1L6R D . -34.64 -19.21 29.66
N13 A1L6R D . -36.20 -19.28 31.53
N22 A1L6R D . -37.77 -20.59 32.56
N27 A1L6R D . -40.12 -20.39 32.30
N28 A1L6R D . -36.80 -19.20 29.19
N29 A1L6R D . -36.07 -19.16 28.01
N37 A1L6R D . -32.47 -19.39 27.72
O02 A1L6R D . -33.51 -16.90 30.67
O08 A1L6R D . -33.32 -21.56 30.08
O15 A1L6R D . -34.97 -18.21 33.38
O16 A1L6R D . -36.08 -16.82 31.66
O20 A1L6R D . -38.70 -17.76 31.34
S14 A1L6R D . -36.07 -17.98 32.49
C10 A1L6R E . -9.63 4.60 39.78
C12 A1L6R E . -7.27 4.77 40.61
C17 A1L6R E . -7.26 5.20 44.49
C18 A1L6R E . -8.33 4.23 44.97
C19 A1L6R E . -6.26 5.60 45.58
C21 A1L6R E . -5.72 6.99 45.36
C23 A1L6R E . -5.85 9.24 45.83
C24 A1L6R E . -4.76 9.50 45.01
C25 A1L6R E . -4.23 10.90 44.80
C26 A1L6R E . -4.20 8.40 44.38
C30 A1L6R E . -7.59 5.40 38.54
C31 A1L6R E . -8.17 5.73 37.23
C32 A1L6R E . -7.36 6.25 36.24
C01 A1L6R E . -9.62 1.32 38.29
C03 A1L6R E . -10.11 3.31 39.51
C04 A1L6R E . -11.47 3.02 39.65
C05 A1L6R E . -12.33 4.02 40.06
C06 A1L6R E . -11.89 5.30 40.33
C07 A1L6R E . -10.53 5.59 40.20
C09 A1L6R E . -10.84 7.86 40.91
C33 A1L6R E . -7.92 6.56 35.01
C34 A1L6R E . -9.27 6.35 34.82
C35 A1L6R E . -10.03 5.82 35.86
C36 A1L6R E . -11.50 5.56 35.72
N11 A1L6R E . -8.23 4.90 39.64
N13 A1L6R E . -7.48 4.31 41.87
N22 A1L6R E . -6.33 8.00 46.01
N27 A1L6R E . -4.66 7.15 44.54
N28 A1L6R E . -6.10 5.16 40.12
N29 A1L6R E . -6.32 5.55 38.80
N37 A1L6R E . -9.49 5.52 37.05
O02 A1L6R E . -9.19 2.39 39.11
O08 A1L6R E . -9.99 6.82 40.45
O15 A1L6R E . -5.92 3.20 43.45
O16 A1L6R E . -5.43 5.48 42.63
O20 A1L6R E . -5.18 4.67 45.63
S14 A1L6R E . -6.38 4.51 43.06
#